data_6KUW
#
_entry.id   6KUW
#
_cell.length_a   74.480
_cell.length_b   78.740
_cell.length_c   190.450
_cell.angle_alpha   90.00
_cell.angle_beta   90.00
_cell.angle_gamma   90.00
#
_symmetry.space_group_name_H-M   'P 21 21 21'
#
loop_
_entity.id
_entity.type
_entity.pdbx_description
1 polymer 'Alpha-2C adrenergic receptor'
2 non-polymer (8~{a}~{R},12~{a}~{S},13~{a}~{R})-12-ethylsulfonyl-3-methoxy-5,6,8,8~{a},9,10,11,12~{a},13,13~{a}-decahydroisoquinolino[2,1-g][1,6]naphthyridine
3 non-polymer CHOLESTEROL
4 non-polymer '(2R)-2,3-dihydroxypropyl (9Z)-octadec-9-enoate'
5 non-polymer 'OLEIC ACID'
6 water water
#
_entity_poly.entity_id   1
_entity_poly.type   'polypeptide(L)'
_entity_poly.pdbx_seq_one_letter_code
;GGVANASGASWGPPRGQYSAGAVAGLAAVVGFLIVFTVVGNVLVVIAVLTSRALRAPQNLFLVSLASADILVATLVMPFS
LANELMAYWYFGQWWCGVYLALDVLFCTSSAVHLCAISLDRYWSVTQAVEYNLKRTPRRVKATIVAVWLISAVISFPPLV
SLYRQPDGAAYPQCGLNDETWYILSSCIGSFFAPCLIMGLVYARIYRVAKLRTGIDCSFWNESYLTGSRDERKKSLLSKF
GMDEGVTFMFIGRFDRGQKGVDVLLKAIEILSSKKEFQEMRFIIIGKGDPELEGWARSLEEKHGNVKVITEMLSREFVRE
LYGSVDFVIIPSYFEPFGLVALEAMCLGAIPIASAVGGLRDIITNETGILVKAGDPGELANAILKALELSRSDLSKFREN
CKKRAMSFSVAQAREKRFTFVLAVVMGVWVLCWFPFFFSYSLYGICREACQVPGPLFKFFFWIGYCNSSLNPVIYTVFNQ
DFRRSFKHILFRRRRR
;
_entity_poly.pdbx_strand_id   A,B
#
loop_
_chem_comp.id
_chem_comp.type
_chem_comp.name
_chem_comp.formula
CLR non-polymer CHOLESTEROL 'C27 H46 O'
E33 non-polymer (8~{a}~{R},12~{a}~{S},13~{a}~{R})-12-ethylsulfonyl-3-methoxy-5,6,8,8~{a},9,10,11,12~{a},13,13~{a}-decahydroisoquinolino[2,1-g][1,6]naphthyridine 'C19 H28 N2 O3 S'
OLA non-polymer 'OLEIC ACID' 'C18 H34 O2'
OLC non-polymer '(2R)-2,3-dihydroxypropyl (9Z)-octadec-9-enoate' 'C21 H40 O4'
#
# COMPACT_ATOMS: atom_id res chain seq x y z
N PRO A 13 -6.62 49.03 -29.96
CA PRO A 13 -6.53 47.72 -29.30
C PRO A 13 -5.09 47.23 -29.11
N PRO A 14 -4.78 46.55 -27.99
CA PRO A 14 -3.40 46.10 -27.77
C PRO A 14 -3.09 44.81 -28.50
N ARG A 15 -1.87 44.74 -29.11
CA ARG A 15 -1.40 43.57 -29.85
C ARG A 15 -1.29 42.37 -28.91
N GLY A 16 -1.94 41.28 -29.31
CA GLY A 16 -1.94 40.05 -28.54
C GLY A 16 -0.70 39.26 -28.86
N GLN A 17 -0.19 38.51 -27.86
CA GLN A 17 0.99 37.65 -28.04
C GLN A 17 0.61 36.26 -28.61
N TYR A 18 -0.72 35.96 -28.71
CA TYR A 18 -1.25 34.68 -29.15
C TYR A 18 -1.92 34.64 -30.49
N SER A 19 -1.50 33.69 -31.31
CA SER A 19 -2.09 33.45 -32.61
C SER A 19 -3.42 32.69 -32.43
N ALA A 20 -4.31 32.72 -33.45
CA ALA A 20 -5.61 32.04 -33.48
C ALA A 20 -5.53 30.57 -33.03
N GLY A 21 -4.49 29.87 -33.49
CA GLY A 21 -4.23 28.47 -33.15
C GLY A 21 -3.92 28.27 -31.69
N ALA A 22 -3.05 29.13 -31.13
CA ALA A 22 -2.71 29.12 -29.70
C ALA A 22 -3.94 29.42 -28.83
N VAL A 23 -4.76 30.41 -29.22
CA VAL A 23 -5.99 30.79 -28.52
C VAL A 23 -6.95 29.59 -28.46
N ALA A 24 -7.31 29.00 -29.61
CA ALA A 24 -8.23 27.87 -29.73
C ALA A 24 -7.70 26.66 -28.94
N GLY A 25 -6.39 26.46 -28.99
CA GLY A 25 -5.70 25.39 -28.30
C GLY A 25 -5.77 25.52 -26.80
N LEU A 26 -5.34 26.71 -26.30
CA LEU A 26 -5.36 27.06 -24.89
C LEU A 26 -6.77 27.12 -24.29
N ALA A 27 -7.74 27.75 -24.98
CA ALA A 27 -9.13 27.79 -24.54
C ALA A 27 -9.71 26.37 -24.45
N ALA A 28 -9.29 25.44 -25.35
CA ALA A 28 -9.71 24.03 -25.36
C ALA A 28 -9.19 23.22 -24.15
N VAL A 29 -7.86 23.27 -23.85
CA VAL A 29 -7.25 22.56 -22.72
C VAL A 29 -7.75 23.13 -21.39
N VAL A 30 -7.79 24.46 -21.24
CA VAL A 30 -8.34 25.11 -20.05
C VAL A 30 -9.86 24.80 -19.97
N GLY A 31 -10.54 24.83 -21.10
CA GLY A 31 -11.97 24.49 -21.19
C GLY A 31 -12.18 23.09 -20.66
N PHE A 32 -11.33 22.17 -21.15
CA PHE A 32 -11.31 20.78 -20.72
C PHE A 32 -11.08 20.73 -19.19
N LEU A 33 -10.03 21.43 -18.70
CA LEU A 33 -9.68 21.49 -17.28
C LEU A 33 -10.83 21.97 -16.40
N ILE A 34 -11.47 23.12 -16.73
CA ILE A 34 -12.61 23.70 -15.98
C ILE A 34 -13.69 22.65 -15.81
N VAL A 35 -14.10 22.01 -16.92
CA VAL A 35 -15.15 20.97 -16.93
C VAL A 35 -14.73 19.80 -16.10
N PHE A 36 -13.48 19.32 -16.25
CA PHE A 36 -12.93 18.21 -15.49
C PHE A 36 -12.92 18.48 -13.98
N THR A 37 -12.56 19.71 -13.57
CA THR A 37 -12.53 20.11 -12.14
C THR A 37 -13.95 20.14 -11.60
N VAL A 38 -14.89 20.79 -12.35
CA VAL A 38 -16.27 20.92 -11.92
C VAL A 38 -16.94 19.55 -11.75
N VAL A 39 -17.00 18.69 -12.81
CA VAL A 39 -17.69 17.40 -12.69
C VAL A 39 -17.06 16.52 -11.60
N GLY A 40 -15.73 16.45 -11.55
CA GLY A 40 -15.01 15.65 -10.56
C GLY A 40 -15.37 16.07 -9.15
N ASN A 41 -15.25 17.35 -8.84
CA ASN A 41 -15.50 17.86 -7.49
C ASN A 41 -16.99 17.89 -7.14
N VAL A 42 -17.88 18.09 -8.15
CA VAL A 42 -19.32 18.00 -7.92
C VAL A 42 -19.56 16.54 -7.47
N LEU A 43 -18.96 15.55 -8.17
CA LEU A 43 -19.05 14.12 -7.83
C LEU A 43 -18.54 13.82 -6.40
N VAL A 44 -17.46 14.51 -5.96
CA VAL A 44 -16.95 14.35 -4.59
C VAL A 44 -18.05 14.78 -3.59
N VAL A 45 -18.65 15.98 -3.78
CA VAL A 45 -19.77 16.49 -2.95
C VAL A 45 -20.85 15.41 -2.89
N ILE A 46 -21.29 14.91 -4.08
CA ILE A 46 -22.31 13.88 -4.22
C ILE A 46 -21.94 12.61 -3.44
N ALA A 47 -20.71 12.09 -3.60
CA ALA A 47 -20.25 10.90 -2.89
C ALA A 47 -20.35 11.03 -1.35
N VAL A 48 -19.85 12.16 -0.79
CA VAL A 48 -19.90 12.39 0.66
C VAL A 48 -21.36 12.45 1.13
N LEU A 49 -22.22 13.10 0.36
CA LEU A 49 -23.62 13.27 0.77
C LEU A 49 -24.52 12.05 0.51
N THR A 50 -24.06 11.09 -0.30
CA THR A 50 -24.88 9.92 -0.60
C THR A 50 -24.32 8.65 0.01
N SER A 51 -23.00 8.40 -0.13
CA SER A 51 -22.34 7.18 0.33
C SER A 51 -22.43 6.94 1.83
N ARG A 52 -23.02 5.80 2.25
CA ARG A 52 -23.13 5.43 3.67
C ARG A 52 -21.75 5.47 4.35
N ALA A 53 -20.74 4.86 3.69
CA ALA A 53 -19.35 4.78 4.13
C ALA A 53 -18.67 6.13 4.20
N LEU A 54 -19.22 7.14 3.49
CA LEU A 54 -18.66 8.48 3.46
C LEU A 54 -19.54 9.55 4.16
N ARG A 55 -20.74 9.21 4.61
CA ARG A 55 -21.64 10.18 5.23
C ARG A 55 -21.30 10.55 6.68
N ALA A 56 -20.02 10.40 7.11
CA ALA A 56 -19.56 10.79 8.45
C ALA A 56 -19.43 12.33 8.48
N PRO A 57 -19.61 12.99 9.67
CA PRO A 57 -19.56 14.48 9.72
C PRO A 57 -18.21 15.10 9.40
N GLN A 58 -17.08 14.50 9.78
CA GLN A 58 -15.76 15.06 9.44
C GLN A 58 -15.56 15.19 7.92
N ASN A 59 -16.24 14.32 7.12
CA ASN A 59 -16.12 14.31 5.67
C ASN A 59 -16.72 15.56 4.99
N LEU A 60 -17.41 16.44 5.76
CA LEU A 60 -17.97 17.69 5.26
C LEU A 60 -16.84 18.69 4.88
N PHE A 61 -15.61 18.51 5.43
CA PHE A 61 -14.49 19.37 5.05
C PHE A 61 -14.12 19.16 3.59
N LEU A 62 -14.32 17.92 3.08
CA LEU A 62 -14.07 17.48 1.71
C LEU A 62 -15.09 18.12 0.82
N VAL A 63 -16.36 18.26 1.31
CA VAL A 63 -17.46 18.92 0.61
C VAL A 63 -17.11 20.41 0.45
N SER A 64 -16.67 21.04 1.55
CA SER A 64 -16.25 22.44 1.57
C SER A 64 -15.00 22.68 0.68
N LEU A 65 -14.05 21.72 0.69
CA LEU A 65 -12.82 21.79 -0.11
C LEU A 65 -13.18 21.65 -1.61
N ALA A 66 -14.08 20.71 -1.95
CA ALA A 66 -14.58 20.49 -3.32
C ALA A 66 -15.15 21.76 -3.94
N SER A 67 -15.86 22.57 -3.13
CA SER A 67 -16.48 23.83 -3.51
C SER A 67 -15.42 24.86 -3.81
N ALA A 68 -14.30 24.89 -3.03
CA ALA A 68 -13.20 25.84 -3.26
C ALA A 68 -12.68 25.60 -4.68
N ASP A 69 -12.48 24.32 -5.05
CA ASP A 69 -12.06 23.86 -6.39
C ASP A 69 -13.13 24.16 -7.48
N ILE A 70 -14.43 23.85 -7.22
CA ILE A 70 -15.51 24.14 -8.17
C ILE A 70 -15.55 25.63 -8.54
N LEU A 71 -15.30 26.49 -7.56
CA LEU A 71 -15.36 27.93 -7.74
C LEU A 71 -14.11 28.55 -8.35
N VAL A 72 -12.89 27.93 -8.22
CA VAL A 72 -11.66 28.41 -8.91
C VAL A 72 -11.90 28.14 -10.39
N ALA A 73 -12.45 26.97 -10.70
CA ALA A 73 -12.77 26.48 -12.00
C ALA A 73 -13.72 27.41 -12.72
N THR A 74 -14.78 27.86 -12.04
CA THR A 74 -15.80 28.70 -12.67
C THR A 74 -15.55 30.22 -12.55
N LEU A 75 -15.13 30.69 -11.36
CA LEU A 75 -15.01 32.13 -11.10
C LEU A 75 -13.67 32.74 -11.36
N VAL A 76 -12.58 31.94 -11.43
CA VAL A 76 -11.23 32.45 -11.52
C VAL A 76 -10.49 31.97 -12.78
N MET A 77 -10.35 30.66 -12.97
CA MET A 77 -9.65 30.06 -14.09
C MET A 77 -10.02 30.63 -15.46
N PRO A 78 -11.30 30.95 -15.82
CA PRO A 78 -11.54 31.46 -17.19
C PRO A 78 -10.99 32.87 -17.42
N PHE A 79 -11.04 33.75 -16.37
CA PHE A 79 -10.56 35.13 -16.42
C PHE A 79 -9.06 35.18 -16.45
N SER A 80 -8.39 34.19 -15.83
CA SER A 80 -6.92 34.11 -15.86
C SER A 80 -6.46 33.84 -17.28
N LEU A 81 -7.20 32.98 -18.02
CA LEU A 81 -6.87 32.62 -19.38
C LEU A 81 -7.26 33.76 -20.31
N ALA A 82 -8.51 34.26 -20.23
CA ALA A 82 -8.97 35.38 -21.04
C ALA A 82 -8.03 36.59 -20.88
N ASN A 83 -7.69 36.99 -19.64
CA ASN A 83 -6.76 38.09 -19.42
C ASN A 83 -5.41 37.83 -20.15
N GLU A 84 -4.89 36.60 -20.10
CA GLU A 84 -3.62 36.23 -20.74
C GLU A 84 -3.72 36.38 -22.27
N LEU A 85 -4.66 35.61 -22.87
CA LEU A 85 -4.94 35.59 -24.31
C LEU A 85 -5.19 36.98 -24.91
N MET A 86 -5.93 37.85 -24.19
CA MET A 86 -6.32 39.19 -24.62
C MET A 86 -5.28 40.29 -24.45
N ALA A 87 -4.29 40.10 -23.57
CA ALA A 87 -3.24 41.10 -23.31
C ALA A 87 -3.77 42.34 -22.52
N TYR A 88 -5.01 42.22 -21.95
CA TYR A 88 -5.66 43.25 -21.15
C TYR A 88 -6.89 42.70 -20.42
N TRP A 89 -7.32 43.44 -19.39
CA TRP A 89 -8.49 43.11 -18.58
C TRP A 89 -9.69 43.78 -19.20
N TYR A 90 -10.64 42.96 -19.68
CA TYR A 90 -11.84 43.40 -20.38
C TYR A 90 -13.07 43.56 -19.47
N PHE A 91 -13.15 42.76 -18.40
CA PHE A 91 -14.29 42.59 -17.51
C PHE A 91 -14.61 43.76 -16.50
N GLY A 92 -13.89 44.88 -16.59
CA GLY A 92 -14.13 46.04 -15.74
C GLY A 92 -13.49 46.00 -14.36
N GLN A 93 -13.28 47.18 -13.79
CA GLN A 93 -12.65 47.44 -12.48
C GLN A 93 -13.25 46.67 -11.32
N TRP A 94 -14.61 46.51 -11.29
CA TRP A 94 -15.31 45.80 -10.23
C TRP A 94 -14.98 44.32 -10.23
N TRP A 95 -15.18 43.66 -11.39
CA TRP A 95 -14.87 42.24 -11.49
C TRP A 95 -13.37 42.00 -11.33
N CYS A 96 -12.51 43.03 -11.56
CA CYS A 96 -11.08 42.86 -11.31
C CYS A 96 -10.82 42.61 -9.81
N GLY A 97 -11.44 43.43 -8.95
CA GLY A 97 -11.31 43.35 -7.50
C GLY A 97 -11.88 42.09 -6.92
N VAL A 98 -13.01 41.62 -7.49
CA VAL A 98 -13.68 40.41 -7.04
C VAL A 98 -12.86 39.22 -7.51
N TYR A 99 -12.37 39.24 -8.77
CA TYR A 99 -11.57 38.16 -9.33
C TYR A 99 -10.26 37.92 -8.56
N LEU A 100 -9.56 39.01 -8.20
CA LEU A 100 -8.30 38.95 -7.47
C LEU A 100 -8.45 38.45 -6.04
N ALA A 101 -9.51 38.93 -5.32
CA ALA A 101 -9.83 38.56 -3.94
C ALA A 101 -10.13 37.09 -3.83
N LEU A 102 -10.93 36.56 -4.77
CA LEU A 102 -11.35 35.17 -4.83
C LEU A 102 -10.17 34.28 -5.16
N ASP A 103 -9.43 34.63 -6.21
CA ASP A 103 -8.27 33.86 -6.62
C ASP A 103 -7.36 33.52 -5.41
N VAL A 104 -7.02 34.55 -4.65
CA VAL A 104 -6.27 34.45 -3.40
C VAL A 104 -7.11 33.68 -2.33
N LEU A 105 -8.44 34.02 -2.14
CA LEU A 105 -9.35 33.39 -1.17
C LEU A 105 -9.47 31.92 -1.34
N PHE A 106 -9.89 31.46 -2.50
CA PHE A 106 -9.99 30.04 -2.76
C PHE A 106 -8.65 29.28 -2.63
N CYS A 107 -7.52 29.91 -2.96
CA CYS A 107 -6.20 29.30 -2.77
C CYS A 107 -5.92 29.14 -1.28
N THR A 108 -6.18 30.24 -0.49
CA THR A 108 -5.99 30.31 0.96
C THR A 108 -6.88 29.33 1.72
N SER A 109 -8.17 29.15 1.32
CA SER A 109 -9.06 28.20 2.00
C SER A 109 -8.63 26.79 1.80
N SER A 110 -8.04 26.43 0.63
CA SER A 110 -7.48 25.06 0.46
C SER A 110 -6.37 24.84 1.51
N ALA A 111 -5.49 25.84 1.69
CA ALA A 111 -4.41 25.78 2.66
C ALA A 111 -4.95 25.57 4.09
N VAL A 112 -5.96 26.38 4.50
CA VAL A 112 -6.54 26.33 5.84
C VAL A 112 -7.38 25.08 5.99
N HIS A 113 -7.99 24.61 4.89
CA HIS A 113 -8.78 23.38 4.89
C HIS A 113 -7.91 22.19 5.21
N LEU A 114 -6.71 22.12 4.61
CA LEU A 114 -5.79 21.03 4.82
C LEU A 114 -5.24 21.04 6.26
N CYS A 115 -5.19 22.21 6.94
CA CYS A 115 -4.82 22.33 8.37
C CYS A 115 -5.92 21.79 9.27
N ALA A 116 -7.18 22.18 9.00
CA ALA A 116 -8.38 21.73 9.74
C ALA A 116 -8.49 20.22 9.63
N ILE A 117 -8.44 19.67 8.37
CA ILE A 117 -8.51 18.24 8.11
C ILE A 117 -7.38 17.49 8.83
N SER A 118 -6.13 18.01 8.77
CA SER A 118 -4.99 17.34 9.40
C SER A 118 -5.17 17.18 10.90
N LEU A 119 -5.58 18.26 11.60
CA LEU A 119 -5.82 18.28 13.04
C LEU A 119 -6.92 17.30 13.43
N ASP A 120 -7.99 17.24 12.63
CA ASP A 120 -9.12 16.34 12.81
C ASP A 120 -8.67 14.86 12.76
N ARG A 121 -7.64 14.54 11.94
CA ARG A 121 -7.08 13.21 11.82
C ARG A 121 -6.19 12.94 12.99
N TYR A 122 -5.47 13.97 13.47
CA TYR A 122 -4.57 13.88 14.63
C TYR A 122 -5.34 13.60 15.94
N TRP A 123 -6.41 14.38 16.22
CA TRP A 123 -7.19 14.24 17.44
C TRP A 123 -8.10 12.98 17.46
N SER A 124 -8.50 12.48 16.28
CA SER A 124 -9.31 11.28 16.17
C SER A 124 -8.52 10.07 16.61
N VAL A 125 -7.21 10.01 16.31
CA VAL A 125 -6.33 8.93 16.76
C VAL A 125 -5.86 9.14 18.22
N THR A 126 -5.45 10.38 18.58
CA THR A 126 -4.93 10.67 19.92
C THR A 126 -6.01 10.75 21.02
N GLN A 127 -6.99 11.67 20.85
CA GLN A 127 -8.04 11.87 21.84
C GLN A 127 -9.34 11.16 21.42
N ALA A 128 -9.21 9.94 20.86
CA ALA A 128 -10.25 9.10 20.29
C ALA A 128 -11.62 9.14 20.98
N VAL A 129 -11.65 8.98 22.33
CA VAL A 129 -12.87 8.93 23.15
C VAL A 129 -13.57 10.30 23.22
N GLU A 130 -12.83 11.34 23.66
CA GLU A 130 -13.30 12.71 23.83
C GLU A 130 -13.63 13.41 22.54
N TYR A 131 -12.74 13.29 21.54
CA TYR A 131 -12.84 13.96 20.25
C TYR A 131 -14.01 13.51 19.39
N ASN A 132 -14.26 12.20 19.28
CA ASN A 132 -15.33 11.69 18.43
C ASN A 132 -16.74 12.10 18.88
N LEU A 133 -16.93 12.45 20.15
CA LEU A 133 -18.21 12.93 20.66
C LEU A 133 -18.38 14.44 20.31
N LYS A 134 -17.36 15.04 19.65
CA LYS A 134 -17.31 16.42 19.18
C LYS A 134 -17.28 16.48 17.64
N ARG A 135 -17.26 15.31 17.00
CA ARG A 135 -17.25 15.14 15.55
C ARG A 135 -18.73 15.07 15.04
N THR A 136 -19.45 16.17 15.28
CA THR A 136 -20.86 16.37 15.04
C THR A 136 -21.06 17.26 13.80
N PRO A 137 -22.13 17.04 13.00
CA PRO A 137 -22.33 17.90 11.82
C PRO A 137 -22.33 19.39 12.15
N ARG A 138 -23.01 19.80 13.27
CA ARG A 138 -23.11 21.22 13.69
C ARG A 138 -21.75 21.82 14.04
N ARG A 139 -20.90 21.00 14.72
CA ARG A 139 -19.57 21.38 15.15
C ARG A 139 -18.63 21.44 13.96
N VAL A 140 -18.78 20.49 13.01
CA VAL A 140 -17.99 20.48 11.79
C VAL A 140 -18.39 21.74 10.95
N LYS A 141 -19.71 22.05 10.86
CA LYS A 141 -20.19 23.25 10.14
C LYS A 141 -19.56 24.53 10.73
N ALA A 142 -19.40 24.58 12.08
CA ALA A 142 -18.77 25.68 12.81
C ALA A 142 -17.31 25.80 12.40
N THR A 143 -16.57 24.68 12.32
CA THR A 143 -15.16 24.71 11.91
C THR A 143 -15.00 25.13 10.45
N ILE A 144 -15.88 24.67 9.53
CA ILE A 144 -15.84 25.05 8.11
C ILE A 144 -16.11 26.56 7.99
N VAL A 145 -17.02 27.08 8.84
CA VAL A 145 -17.30 28.52 8.88
C VAL A 145 -16.00 29.20 9.35
N ALA A 146 -15.35 28.66 10.42
CA ALA A 146 -14.11 29.19 10.95
C ALA A 146 -13.00 29.18 9.91
N VAL A 147 -12.84 28.09 9.11
CA VAL A 147 -11.78 28.02 8.08
C VAL A 147 -12.04 29.07 7.02
N TRP A 148 -13.31 29.29 6.64
CA TRP A 148 -13.65 30.30 5.65
C TRP A 148 -13.37 31.73 6.19
N LEU A 149 -13.67 32.03 7.47
CA LEU A 149 -13.37 33.35 8.03
C LEU A 149 -11.87 33.59 8.22
N ILE A 150 -11.12 32.53 8.55
CA ILE A 150 -9.66 32.61 8.71
C ILE A 150 -9.05 32.87 7.34
N SER A 151 -9.62 32.24 6.28
CA SER A 151 -9.18 32.36 4.90
C SER A 151 -9.43 33.74 4.39
N ALA A 152 -10.54 34.38 4.83
CA ALA A 152 -10.89 35.75 4.46
C ALA A 152 -9.96 36.70 5.19
N VAL A 153 -9.73 36.51 6.53
CA VAL A 153 -8.83 37.34 7.33
C VAL A 153 -7.41 37.27 6.75
N ILE A 154 -6.85 36.03 6.54
CA ILE A 154 -5.53 35.80 5.91
C ILE A 154 -5.45 36.44 4.50
N SER A 155 -6.44 36.16 3.62
CA SER A 155 -6.50 36.72 2.26
C SER A 155 -6.63 38.23 2.24
N PHE A 156 -7.35 38.77 3.24
CA PHE A 156 -7.77 40.15 3.46
C PHE A 156 -8.18 40.82 2.13
N PRO A 157 -9.34 40.38 1.55
CA PRO A 157 -9.78 40.92 0.25
C PRO A 157 -9.96 42.46 0.11
N PRO A 158 -10.41 43.29 1.13
CA PRO A 158 -10.56 44.74 0.89
C PRO A 158 -9.43 45.47 0.13
N LEU A 159 -8.16 45.02 0.26
CA LEU A 159 -7.06 45.64 -0.48
C LEU A 159 -6.11 44.61 -1.11
N VAL A 160 -6.42 44.22 -2.35
CA VAL A 160 -5.63 43.29 -3.17
C VAL A 160 -5.25 43.92 -4.54
N SER A 161 -6.19 44.69 -5.15
CA SER A 161 -6.13 45.38 -6.46
C SER A 161 -5.08 46.51 -6.59
N LEU A 162 -4.77 46.88 -7.87
CA LEU A 162 -3.84 47.92 -8.33
C LEU A 162 -2.44 47.75 -7.77
N ALA A 169 -4.79 54.00 -16.88
CA ALA A 169 -4.98 52.72 -17.55
C ALA A 169 -5.82 52.86 -18.85
N ALA A 170 -5.13 53.01 -20.01
CA ALA A 170 -5.73 53.15 -21.37
C ALA A 170 -6.50 51.87 -21.65
N TYR A 171 -5.78 50.76 -21.96
CA TYR A 171 -6.36 49.44 -22.06
C TYR A 171 -6.04 48.86 -20.70
N PRO A 172 -7.07 48.71 -19.83
CA PRO A 172 -6.82 48.36 -18.43
C PRO A 172 -6.19 46.99 -18.18
N GLN A 173 -5.46 46.90 -17.06
CA GLN A 173 -4.82 45.68 -16.60
C GLN A 173 -5.35 45.29 -15.23
N CYS A 174 -5.34 43.98 -14.91
CA CYS A 174 -5.80 43.53 -13.60
C CYS A 174 -4.70 42.81 -12.88
N GLY A 175 -4.08 43.51 -11.95
CA GLY A 175 -2.98 42.95 -11.18
C GLY A 175 -3.05 43.21 -9.69
N LEU A 176 -2.31 42.40 -8.94
CA LEU A 176 -2.25 42.47 -7.49
C LEU A 176 -1.37 43.61 -7.00
N ASN A 177 -1.45 43.93 -5.71
CA ASN A 177 -0.59 44.92 -5.07
C ASN A 177 0.86 44.37 -5.10
N ASP A 178 1.80 45.22 -5.46
CA ASP A 178 3.21 44.94 -5.69
C ASP A 178 4.14 45.22 -4.45
N GLU A 179 3.56 45.63 -3.32
CA GLU A 179 4.35 45.96 -2.13
C GLU A 179 5.08 44.75 -1.51
N THR A 180 6.35 44.92 -1.10
CA THR A 180 7.21 43.87 -0.51
C THR A 180 6.58 43.21 0.72
N TRP A 181 6.14 44.02 1.71
CA TRP A 181 5.51 43.55 2.96
C TRP A 181 4.29 42.74 2.61
N TYR A 182 3.57 43.12 1.54
CA TYR A 182 2.38 42.41 1.14
C TYR A 182 2.73 41.05 0.56
N ILE A 183 3.63 41.01 -0.46
CA ILE A 183 4.01 39.76 -1.13
C ILE A 183 4.35 38.68 -0.11
N LEU A 184 5.25 39.01 0.81
CA LEU A 184 5.71 38.13 1.89
C LEU A 184 4.61 37.80 2.92
N SER A 185 3.86 38.82 3.43
CA SER A 185 2.74 38.57 4.37
C SER A 185 1.77 37.53 3.80
N SER A 186 1.35 37.70 2.52
CA SER A 186 0.40 36.84 1.86
C SER A 186 0.99 35.43 1.54
N CYS A 187 2.30 35.30 1.23
CA CYS A 187 2.96 34.02 0.96
C CYS A 187 3.05 33.17 2.23
N ILE A 188 3.29 33.83 3.38
CA ILE A 188 3.41 33.19 4.68
C ILE A 188 2.02 32.78 5.17
N GLY A 189 1.07 33.70 5.13
CA GLY A 189 -0.28 33.47 5.63
C GLY A 189 -1.04 32.45 4.83
N SER A 190 -0.90 32.50 3.49
CA SER A 190 -1.61 31.63 2.53
C SER A 190 -0.85 30.35 2.11
N PHE A 191 0.48 30.23 2.33
CA PHE A 191 1.17 29.02 1.94
C PHE A 191 2.17 28.51 2.91
N PHE A 192 3.20 29.34 3.29
CA PHE A 192 4.30 28.86 4.14
C PHE A 192 3.87 28.46 5.56
N ALA A 193 3.05 29.26 6.27
CA ALA A 193 2.57 28.88 7.62
C ALA A 193 1.58 27.70 7.51
N PRO A 194 0.54 27.67 6.60
CA PRO A 194 -0.29 26.46 6.48
C PRO A 194 0.54 25.21 6.17
N CYS A 195 1.62 25.32 5.35
CA CYS A 195 2.51 24.18 5.11
C CYS A 195 3.23 23.76 6.39
N LEU A 196 3.68 24.73 7.23
CA LEU A 196 4.36 24.41 8.48
C LEU A 196 3.45 23.68 9.43
N ILE A 197 2.18 24.16 9.57
CA ILE A 197 1.15 23.52 10.42
C ILE A 197 0.84 22.08 9.95
N MET A 198 0.54 21.88 8.66
CA MET A 198 0.22 20.57 8.07
C MET A 198 1.35 19.56 8.27
N GLY A 199 2.60 20.00 8.09
CA GLY A 199 3.78 19.15 8.20
C GLY A 199 3.93 18.65 9.61
N LEU A 200 3.90 19.59 10.55
CA LEU A 200 4.00 19.30 11.98
C LEU A 200 2.90 18.36 12.47
N VAL A 201 1.62 18.62 12.10
CA VAL A 201 0.48 17.76 12.47
C VAL A 201 0.65 16.36 11.86
N TYR A 202 1.00 16.26 10.56
CA TYR A 202 1.20 14.96 9.92
C TYR A 202 2.46 14.24 10.39
N ALA A 203 3.40 14.98 10.99
CA ALA A 203 4.59 14.39 11.57
C ALA A 203 4.18 13.69 12.86
N ARG A 204 3.28 14.33 13.64
CA ARG A 204 2.73 13.83 14.90
C ARG A 204 1.79 12.63 14.65
N ILE A 205 1.12 12.62 13.48
CA ILE A 205 0.24 11.53 13.06
C ILE A 205 1.08 10.29 12.75
N TYR A 206 2.19 10.42 12.00
N TYR A 206 2.20 10.46 12.01
CA TYR A 206 2.99 9.25 11.62
CA TYR A 206 3.14 9.40 11.61
C TYR A 206 3.84 8.65 12.78
C TYR A 206 3.78 8.67 12.79
N ARG A 207 4.04 9.38 13.90
CA ARG A 207 4.72 8.80 15.09
C ARG A 207 3.73 7.88 15.79
N VAL A 208 2.49 8.39 15.98
CA VAL A 208 1.36 7.70 16.61
C VAL A 208 0.97 6.45 15.78
N ALA A 209 0.86 6.58 14.43
CA ALA A 209 0.52 5.50 13.50
C ALA A 209 1.57 4.38 13.55
N LYS A 210 2.83 4.72 13.88
CA LYS A 210 3.96 3.79 13.99
C LYS A 210 3.92 3.03 15.32
N LEU A 211 3.61 3.74 16.42
CA LEU A 211 3.53 3.15 17.76
C LEU A 211 2.22 2.37 17.99
N ARG A 212 1.09 2.87 17.43
CA ARG A 212 -0.22 2.23 17.59
C ARG A 212 -0.59 1.33 16.41
N THR A 213 0.30 0.39 16.07
CA THR A 213 0.13 -0.57 14.98
C THR A 213 -1.12 -1.44 15.16
N GLY A 214 -1.77 -1.71 14.04
CA GLY A 214 -3.00 -2.48 14.00
C GLY A 214 -2.84 -3.98 14.13
N ILE A 215 -3.78 -4.60 14.87
CA ILE A 215 -3.90 -6.03 15.16
C ILE A 215 -3.75 -6.94 13.93
N ASP A 216 -3.26 -8.17 14.15
CA ASP A 216 -3.14 -9.20 13.12
C ASP A 216 -4.50 -9.90 13.12
N CYS A 217 -5.46 -9.36 12.36
CA CYS A 217 -6.85 -9.82 12.26
C CYS A 217 -6.97 -11.31 11.98
N SER A 218 -6.20 -11.80 10.98
CA SER A 218 -6.16 -13.21 10.56
C SER A 218 -5.61 -14.16 11.63
N PHE A 219 -4.50 -13.78 12.30
CA PHE A 219 -3.84 -14.54 13.35
C PHE A 219 -4.69 -14.68 14.63
N TRP A 220 -5.22 -13.56 15.14
CA TRP A 220 -6.01 -13.53 16.36
C TRP A 220 -7.50 -13.85 16.11
N ASN A 221 -7.77 -15.16 15.96
CA ASN A 221 -9.09 -15.75 15.70
C ASN A 221 -9.08 -17.22 16.07
N GLU A 222 -10.24 -17.77 16.51
CA GLU A 222 -10.36 -19.19 16.87
C GLU A 222 -10.58 -20.06 15.62
N SER A 223 -9.62 -19.95 14.68
CA SER A 223 -9.59 -20.66 13.41
C SER A 223 -9.43 -22.18 13.59
N TYR A 224 -9.54 -22.67 14.84
CA TYR A 224 -9.49 -24.09 15.14
C TYR A 224 -10.79 -24.70 14.62
N LEU A 225 -11.95 -24.22 15.15
CA LEU A 225 -13.31 -24.68 14.83
C LEU A 225 -13.35 -26.21 15.06
N THR A 226 -12.61 -26.66 16.10
CA THR A 226 -12.44 -28.05 16.45
C THR A 226 -12.75 -28.33 17.94
N GLY A 227 -12.09 -27.60 18.84
CA GLY A 227 -12.25 -27.77 20.29
C GLY A 227 -13.29 -26.87 20.93
N SER A 228 -13.77 -27.28 22.14
CA SER A 228 -14.76 -26.55 22.93
C SER A 228 -14.07 -25.67 23.99
N ARG A 229 -14.69 -24.53 24.36
CA ARG A 229 -14.16 -23.56 25.34
C ARG A 229 -13.78 -24.22 26.68
N ASP A 230 -14.73 -24.98 27.27
CA ASP A 230 -14.53 -25.71 28.53
C ASP A 230 -13.48 -26.80 28.39
N GLU A 231 -13.40 -27.43 27.19
CA GLU A 231 -12.42 -28.48 26.88
C GLU A 231 -11.00 -27.90 26.78
N ARG A 232 -10.83 -26.72 26.11
CA ARG A 232 -9.55 -26.03 25.93
C ARG A 232 -9.04 -25.52 27.25
N LYS A 233 -9.96 -25.07 28.12
CA LYS A 233 -9.68 -24.56 29.47
C LYS A 233 -9.15 -25.68 30.35
N LYS A 234 -9.85 -26.86 30.38
CA LYS A 234 -9.47 -28.05 31.17
C LYS A 234 -8.10 -28.57 30.73
N SER A 235 -7.85 -28.61 29.39
CA SER A 235 -6.59 -29.04 28.76
C SER A 235 -5.45 -28.11 29.18
N LEU A 236 -5.71 -26.79 29.22
CA LEU A 236 -4.78 -25.73 29.60
C LEU A 236 -4.43 -25.82 31.09
N LEU A 237 -5.46 -25.90 31.94
CA LEU A 237 -5.31 -25.98 33.40
C LEU A 237 -4.71 -27.32 33.85
N SER A 238 -4.77 -28.37 33.00
CA SER A 238 -4.13 -29.64 33.32
C SER A 238 -2.65 -29.56 32.94
N LYS A 239 -2.33 -28.86 31.82
CA LYS A 239 -0.98 -28.66 31.31
C LYS A 239 -0.09 -27.87 32.27
N PHE A 240 -0.66 -26.86 32.96
CA PHE A 240 0.05 -26.06 33.96
C PHE A 240 0.18 -26.79 35.30
N GLY A 241 -0.88 -27.48 35.70
CA GLY A 241 -0.93 -28.22 36.96
C GLY A 241 -1.91 -27.63 37.94
N MET A 242 -3.18 -27.52 37.52
CA MET A 242 -4.27 -26.97 38.31
C MET A 242 -5.56 -27.77 38.11
N ASP A 243 -6.65 -27.33 38.76
CA ASP A 243 -7.98 -27.92 38.68
C ASP A 243 -8.87 -26.96 37.88
N GLU A 244 -10.03 -27.43 37.38
CA GLU A 244 -10.99 -26.62 36.62
C GLU A 244 -11.67 -25.53 37.48
N GLY A 245 -11.41 -24.27 37.11
CA GLY A 245 -11.94 -23.09 37.80
C GLY A 245 -11.90 -21.84 36.97
N VAL A 246 -12.28 -20.71 37.58
CA VAL A 246 -12.31 -19.39 36.93
C VAL A 246 -10.87 -18.86 36.78
N THR A 247 -10.37 -18.82 35.53
CA THR A 247 -9.00 -18.41 35.21
C THR A 247 -8.87 -16.93 34.89
N PHE A 248 -7.77 -16.33 35.38
CA PHE A 248 -7.40 -14.92 35.21
C PHE A 248 -5.99 -14.89 34.65
N MET A 249 -5.72 -13.96 33.71
CA MET A 249 -4.42 -13.96 33.03
C MET A 249 -3.84 -12.56 32.75
N PHE A 250 -2.49 -12.42 32.93
CA PHE A 250 -1.70 -11.21 32.70
C PHE A 250 -0.49 -11.50 31.80
N ILE A 251 -0.17 -10.57 30.87
CA ILE A 251 1.01 -10.59 30.00
C ILE A 251 1.62 -9.18 29.97
N GLY A 252 2.80 -9.05 29.37
CA GLY A 252 3.47 -7.76 29.28
C GLY A 252 4.52 -7.55 30.34
N ARG A 253 5.29 -6.46 30.21
CA ARG A 253 6.38 -6.10 31.11
C ARG A 253 5.98 -6.02 32.58
N PHE A 254 6.87 -6.45 33.45
CA PHE A 254 6.67 -6.38 34.89
C PHE A 254 7.21 -5.02 35.33
N ASP A 255 6.33 -4.00 35.44
CA ASP A 255 6.75 -2.64 35.82
C ASP A 255 5.70 -1.87 36.63
N ARG A 256 6.17 -1.01 37.56
CA ARG A 256 5.28 -0.19 38.37
C ARG A 256 4.87 1.09 37.63
N GLY A 257 5.73 1.53 36.71
CA GLY A 257 5.54 2.73 35.92
C GLY A 257 4.43 2.71 34.88
N GLN A 258 4.24 1.56 34.18
CA GLN A 258 3.23 1.45 33.12
C GLN A 258 2.24 0.27 33.25
N LYS A 259 2.59 -0.92 32.71
CA LYS A 259 1.75 -2.13 32.61
C LYS A 259 1.08 -2.59 33.93
N GLY A 260 1.51 -2.00 35.06
CA GLY A 260 0.97 -2.21 36.40
C GLY A 260 0.72 -3.62 36.90
N VAL A 261 1.79 -4.44 36.94
CA VAL A 261 1.75 -5.81 37.45
C VAL A 261 1.56 -5.77 38.98
N ASP A 262 2.14 -4.73 39.64
CA ASP A 262 2.10 -4.47 41.08
C ASP A 262 0.68 -4.35 41.61
N VAL A 263 -0.22 -3.74 40.79
CA VAL A 263 -1.65 -3.56 41.10
C VAL A 263 -2.32 -4.95 41.19
N LEU A 264 -1.96 -5.87 40.27
CA LEU A 264 -2.50 -7.24 40.26
C LEU A 264 -1.93 -8.10 41.39
N LEU A 265 -0.59 -8.08 41.63
CA LEU A 265 0.04 -8.85 42.71
C LEU A 265 -0.50 -8.45 44.09
N LYS A 266 -0.74 -7.13 44.30
CA LYS A 266 -1.31 -6.58 45.53
C LYS A 266 -2.77 -7.00 45.66
N ALA A 267 -3.51 -7.04 44.53
CA ALA A 267 -4.92 -7.46 44.50
C ALA A 267 -5.07 -8.95 44.83
N ILE A 268 -4.09 -9.78 44.39
CA ILE A 268 -4.05 -11.22 44.67
C ILE A 268 -3.80 -11.43 46.18
N GLU A 269 -2.93 -10.59 46.79
CA GLU A 269 -2.61 -10.62 48.22
C GLU A 269 -3.86 -10.29 49.06
N ILE A 270 -4.77 -9.48 48.49
CA ILE A 270 -6.06 -9.10 49.07
C ILE A 270 -7.04 -10.29 48.90
N LEU A 271 -6.96 -10.98 47.73
CA LEU A 271 -7.79 -12.15 47.37
C LEU A 271 -7.44 -13.44 48.15
N SER A 272 -6.14 -13.65 48.49
CA SER A 272 -5.62 -14.81 49.22
C SER A 272 -6.27 -14.92 50.61
N SER A 273 -6.49 -13.76 51.26
CA SER A 273 -7.14 -13.63 52.56
C SER A 273 -8.64 -13.99 52.49
N LYS A 274 -9.19 -14.10 51.27
CA LYS A 274 -10.59 -14.45 51.03
C LYS A 274 -10.79 -15.94 50.74
N LYS A 275 -12.02 -16.45 51.03
CA LYS A 275 -12.45 -17.84 50.85
C LYS A 275 -12.72 -18.20 49.37
N GLU A 276 -12.86 -17.18 48.49
CA GLU A 276 -13.13 -17.35 47.05
C GLU A 276 -11.87 -17.53 46.21
N PHE A 277 -10.68 -17.54 46.84
CA PHE A 277 -9.37 -17.70 46.19
C PHE A 277 -9.18 -19.09 45.55
N GLN A 278 -9.78 -20.13 46.19
CA GLN A 278 -9.76 -21.55 45.78
C GLN A 278 -10.47 -21.75 44.43
N GLU A 279 -11.55 -20.99 44.19
CA GLU A 279 -12.33 -21.01 42.94
C GLU A 279 -11.57 -20.37 41.79
N MET A 280 -10.59 -19.50 42.13
CA MET A 280 -9.81 -18.74 41.15
C MET A 280 -8.46 -19.35 40.79
N ARG A 281 -8.09 -19.20 39.51
CA ARG A 281 -6.80 -19.60 38.92
C ARG A 281 -6.19 -18.34 38.31
N PHE A 282 -4.86 -18.14 38.49
CA PHE A 282 -4.14 -16.94 37.99
C PHE A 282 -2.88 -17.31 37.17
N ILE A 283 -2.77 -16.82 35.91
CA ILE A 283 -1.63 -17.07 35.02
C ILE A 283 -0.91 -15.75 34.67
N ILE A 284 0.07 -15.35 35.48
CA ILE A 284 0.83 -14.11 35.29
C ILE A 284 2.06 -14.36 34.39
N ILE A 285 2.34 -13.43 33.44
CA ILE A 285 3.47 -13.53 32.48
C ILE A 285 4.23 -12.18 32.36
N GLY A 286 5.57 -12.25 32.34
CA GLY A 286 6.46 -11.11 32.20
C GLY A 286 7.82 -11.28 32.85
N LYS A 287 8.83 -10.57 32.34
CA LYS A 287 10.20 -10.60 32.84
C LYS A 287 10.78 -9.17 32.89
N GLY A 288 9.99 -8.23 33.41
CA GLY A 288 10.34 -6.81 33.46
C GLY A 288 11.23 -6.34 34.59
N ASP A 289 10.81 -6.58 35.86
CA ASP A 289 11.52 -6.12 37.05
C ASP A 289 11.95 -7.28 37.96
N PRO A 290 13.25 -7.38 38.32
CA PRO A 290 13.69 -8.47 39.21
C PRO A 290 12.95 -8.52 40.56
N GLU A 291 12.66 -7.35 41.18
CA GLU A 291 11.94 -7.24 42.46
C GLU A 291 10.47 -7.70 42.35
N LEU A 292 9.83 -7.43 41.20
CA LEU A 292 8.43 -7.82 40.95
C LEU A 292 8.31 -9.29 40.57
N GLU A 293 9.34 -9.84 39.89
CA GLU A 293 9.46 -11.24 39.49
C GLU A 293 9.49 -12.13 40.74
N GLY A 294 10.23 -11.67 41.75
CA GLY A 294 10.38 -12.32 43.04
C GLY A 294 9.09 -12.34 43.84
N TRP A 295 8.35 -11.21 43.81
CA TRP A 295 7.04 -11.04 44.46
C TRP A 295 6.03 -11.99 43.80
N ALA A 296 6.11 -12.12 42.45
CA ALA A 296 5.25 -12.99 41.64
C ALA A 296 5.47 -14.46 41.96
N ARG A 297 6.72 -14.94 41.83
CA ARG A 297 7.10 -16.33 42.09
C ARG A 297 6.96 -16.73 43.57
N SER A 298 7.01 -15.75 44.49
CA SER A 298 6.80 -16.01 45.92
C SER A 298 5.34 -16.37 46.13
N LEU A 299 4.43 -15.74 45.34
CA LEU A 299 2.99 -16.02 45.39
C LEU A 299 2.68 -17.36 44.73
N GLU A 300 3.52 -17.77 43.76
CA GLU A 300 3.41 -19.06 43.07
C GLU A 300 3.84 -20.17 44.05
N GLU A 301 4.82 -19.85 44.92
CA GLU A 301 5.37 -20.72 45.97
C GLU A 301 4.41 -20.81 47.15
N LYS A 302 3.71 -19.69 47.48
CA LYS A 302 2.75 -19.57 48.57
C LYS A 302 1.34 -20.05 48.20
N HIS A 303 0.99 -20.04 46.90
CA HIS A 303 -0.33 -20.45 46.43
C HIS A 303 -0.24 -21.30 45.17
N GLY A 304 -0.99 -22.40 45.18
CA GLY A 304 -1.06 -23.34 44.05
C GLY A 304 -2.02 -22.93 42.96
N ASN A 305 -2.80 -21.85 43.21
CA ASN A 305 -3.79 -21.23 42.32
C ASN A 305 -3.11 -20.22 41.39
N VAL A 306 -1.79 -20.00 41.57
CA VAL A 306 -0.98 -19.05 40.83
C VAL A 306 0.07 -19.76 39.95
N LYS A 307 0.13 -19.40 38.66
CA LYS A 307 1.05 -19.92 37.66
C LYS A 307 1.82 -18.75 37.03
N VAL A 308 2.98 -18.41 37.61
CA VAL A 308 3.80 -17.31 37.10
C VAL A 308 4.76 -17.89 36.06
N ILE A 309 4.75 -17.28 34.85
CA ILE A 309 5.61 -17.66 33.73
C ILE A 309 6.47 -16.45 33.33
N THR A 310 7.74 -16.42 33.81
CA THR A 310 8.71 -15.36 33.53
C THR A 310 9.26 -15.48 32.08
N GLU A 311 9.02 -16.65 31.43
CA GLU A 311 9.46 -16.98 30.07
C GLU A 311 8.85 -16.09 28.98
N MET A 312 9.54 -16.03 27.82
CA MET A 312 9.07 -15.31 26.63
C MET A 312 8.26 -16.31 25.82
N LEU A 313 6.92 -16.22 25.92
CA LEU A 313 5.98 -17.09 25.24
C LEU A 313 5.74 -16.56 23.83
N SER A 314 5.87 -17.45 22.83
CA SER A 314 5.64 -17.12 21.42
C SER A 314 4.17 -16.80 21.20
N ARG A 315 3.87 -16.00 20.16
CA ARG A 315 2.52 -15.56 19.75
C ARG A 315 1.55 -16.75 19.65
N GLU A 316 2.08 -17.93 19.32
CA GLU A 316 1.38 -19.20 19.17
C GLU A 316 0.85 -19.71 20.53
N PHE A 317 1.58 -19.41 21.61
CA PHE A 317 1.24 -19.81 22.98
C PHE A 317 0.20 -18.89 23.63
N VAL A 318 0.32 -17.56 23.44
CA VAL A 318 -0.57 -16.53 24.00
C VAL A 318 -2.00 -16.65 23.43
N ARG A 319 -2.14 -17.04 22.16
CA ARG A 319 -3.41 -17.27 21.47
C ARG A 319 -4.11 -18.48 22.10
N GLU A 320 -3.32 -19.52 22.48
CA GLU A 320 -3.80 -20.74 23.14
C GLU A 320 -4.39 -20.36 24.51
N LEU A 321 -3.69 -19.45 25.22
CA LEU A 321 -4.05 -18.93 26.53
C LEU A 321 -5.33 -18.12 26.48
N TYR A 322 -5.48 -17.22 25.48
CA TYR A 322 -6.65 -16.33 25.35
C TYR A 322 -7.98 -17.06 25.12
N GLY A 323 -7.94 -18.13 24.34
CA GLY A 323 -9.13 -18.94 24.03
C GLY A 323 -9.44 -19.99 25.07
N SER A 324 -8.79 -19.90 26.25
CA SER A 324 -8.98 -20.84 27.36
C SER A 324 -9.39 -20.09 28.63
N VAL A 325 -8.69 -18.98 28.94
CA VAL A 325 -8.93 -18.16 30.15
C VAL A 325 -10.26 -17.41 30.03
N ASP A 326 -11.00 -17.33 31.15
CA ASP A 326 -12.28 -16.63 31.24
C ASP A 326 -12.07 -15.12 31.13
N PHE A 327 -11.04 -14.61 31.84
CA PHE A 327 -10.73 -13.20 31.92
C PHE A 327 -9.25 -12.90 31.72
N VAL A 328 -8.98 -11.73 31.12
CA VAL A 328 -7.64 -11.21 30.89
C VAL A 328 -7.56 -9.92 31.69
N ILE A 329 -6.56 -9.82 32.57
CA ILE A 329 -6.37 -8.63 33.40
C ILE A 329 -5.31 -7.76 32.73
N ILE A 330 -5.72 -6.53 32.35
CA ILE A 330 -4.87 -5.51 31.70
C ILE A 330 -4.85 -4.31 32.67
N PRO A 331 -4.03 -4.37 33.75
CA PRO A 331 -4.06 -3.29 34.75
C PRO A 331 -3.03 -2.18 34.50
N SER A 332 -3.09 -1.55 33.31
CA SER A 332 -2.15 -0.47 32.94
C SER A 332 -2.43 0.87 33.63
N TYR A 333 -1.36 1.63 33.88
CA TYR A 333 -1.39 3.00 34.42
C TYR A 333 -1.56 3.91 33.19
N PHE A 334 -0.85 3.57 32.09
CA PHE A 334 -0.86 4.24 30.80
C PHE A 334 -0.84 3.16 29.71
N GLU A 335 -1.87 3.18 28.83
CA GLU A 335 -2.07 2.25 27.70
C GLU A 335 -2.76 2.99 26.53
N PRO A 336 -1.97 3.55 25.60
CA PRO A 336 -2.58 4.36 24.52
C PRO A 336 -3.38 3.60 23.47
N PHE A 337 -3.08 2.30 23.28
CA PHE A 337 -3.74 1.50 22.25
C PHE A 337 -4.54 0.33 22.82
N GLY A 338 -3.91 -0.46 23.68
CA GLY A 338 -4.56 -1.62 24.30
C GLY A 338 -4.78 -2.75 23.32
N LEU A 339 -3.71 -3.13 22.60
CA LEU A 339 -3.73 -4.21 21.63
C LEU A 339 -4.06 -5.57 22.31
N VAL A 340 -3.50 -5.80 23.53
CA VAL A 340 -3.70 -6.99 24.39
C VAL A 340 -5.20 -7.19 24.63
N ALA A 341 -5.96 -6.13 24.89
CA ALA A 341 -7.41 -6.17 25.08
C ALA A 341 -8.10 -6.63 23.79
N LEU A 342 -7.70 -6.05 22.64
CA LEU A 342 -8.30 -6.37 21.36
C LEU A 342 -8.04 -7.79 20.92
N GLU A 343 -6.75 -8.20 20.90
CA GLU A 343 -6.37 -9.55 20.49
C GLU A 343 -6.92 -10.66 21.46
N ALA A 344 -7.14 -10.32 22.75
CA ALA A 344 -7.69 -11.21 23.79
C ALA A 344 -9.19 -11.38 23.60
N MET A 345 -9.90 -10.27 23.33
CA MET A 345 -11.35 -10.20 23.08
C MET A 345 -11.75 -10.95 21.82
N CYS A 346 -10.84 -11.05 20.83
CA CYS A 346 -11.06 -11.75 19.56
C CYS A 346 -11.22 -13.25 19.78
N LEU A 347 -10.47 -13.79 20.76
CA LEU A 347 -10.43 -15.21 21.13
C LEU A 347 -11.44 -15.61 22.25
N GLY A 348 -12.08 -14.62 22.87
CA GLY A 348 -13.12 -14.86 23.87
C GLY A 348 -12.86 -14.47 25.31
N ALA A 349 -11.63 -14.01 25.65
CA ALA A 349 -11.32 -13.62 27.03
C ALA A 349 -11.97 -12.27 27.37
N ILE A 350 -12.69 -12.21 28.50
CA ILE A 350 -13.39 -11.01 28.95
C ILE A 350 -12.40 -10.09 29.67
N PRO A 351 -12.10 -8.89 29.12
CA PRO A 351 -11.11 -8.04 29.78
C PRO A 351 -11.52 -7.40 31.10
N ILE A 352 -10.55 -7.31 32.01
CA ILE A 352 -10.64 -6.59 33.26
C ILE A 352 -9.49 -5.59 33.08
N ALA A 353 -9.81 -4.37 32.64
CA ALA A 353 -8.76 -3.39 32.39
C ALA A 353 -8.97 -2.09 33.13
N SER A 354 -7.92 -1.28 33.23
CA SER A 354 -8.00 0.05 33.84
C SER A 354 -8.64 1.00 32.80
N ALA A 355 -9.53 1.92 33.23
CA ALA A 355 -10.19 2.89 32.35
C ALA A 355 -9.16 3.96 32.01
N VAL A 356 -8.22 3.58 31.12
CA VAL A 356 -7.04 4.35 30.73
C VAL A 356 -6.82 4.24 29.22
N GLY A 357 -6.56 5.39 28.58
CA GLY A 357 -6.26 5.54 27.17
C GLY A 357 -7.14 4.73 26.23
N GLY A 358 -6.49 3.84 25.49
CA GLY A 358 -7.10 2.94 24.50
C GLY A 358 -8.09 1.92 25.04
N LEU A 359 -7.93 1.52 26.31
CA LEU A 359 -8.81 0.55 27.01
C LEU A 359 -10.19 1.14 27.28
N ARG A 360 -10.24 2.48 27.50
CA ARG A 360 -11.45 3.24 27.76
C ARG A 360 -12.29 3.37 26.48
N ASP A 361 -11.63 3.31 25.31
CA ASP A 361 -12.22 3.44 23.97
C ASP A 361 -12.85 2.14 23.48
N ILE A 362 -12.12 1.02 23.62
CA ILE A 362 -12.51 -0.33 23.21
C ILE A 362 -13.67 -0.90 24.05
N ILE A 363 -13.39 -1.20 25.32
CA ILE A 363 -14.28 -1.86 26.28
C ILE A 363 -15.55 -1.05 26.57
N THR A 364 -16.71 -1.74 26.51
CA THR A 364 -18.05 -1.24 26.84
C THR A 364 -18.62 -2.04 28.02
N ASN A 365 -19.86 -1.73 28.42
CA ASN A 365 -20.53 -2.44 29.51
C ASN A 365 -20.74 -3.91 29.12
N GLU A 366 -21.13 -4.15 27.85
CA GLU A 366 -21.38 -5.49 27.29
C GLU A 366 -20.10 -6.29 26.94
N THR A 367 -18.92 -5.61 26.85
CA THR A 367 -17.65 -6.26 26.46
C THR A 367 -16.54 -6.27 27.53
N GLY A 368 -16.87 -6.00 28.78
CA GLY A 368 -15.86 -6.02 29.83
C GLY A 368 -16.07 -5.13 31.03
N ILE A 369 -15.09 -5.21 31.95
CA ILE A 369 -15.06 -4.54 33.26
C ILE A 369 -13.92 -3.49 33.27
N LEU A 370 -14.27 -2.22 33.53
CA LEU A 370 -13.27 -1.15 33.58
C LEU A 370 -13.02 -0.67 35.01
N VAL A 371 -11.89 -1.08 35.59
CA VAL A 371 -11.47 -0.72 36.94
C VAL A 371 -10.73 0.62 36.92
N LYS A 372 -10.48 1.23 38.10
CA LYS A 372 -9.71 2.46 38.13
C LYS A 372 -8.24 2.12 38.31
N ALA A 373 -7.36 2.79 37.53
CA ALA A 373 -5.92 2.57 37.52
C ALA A 373 -5.24 2.91 38.85
N GLY A 374 -4.40 1.99 39.34
CA GLY A 374 -3.62 2.16 40.55
C GLY A 374 -4.13 1.53 41.84
N ASP A 375 -5.47 1.44 42.03
CA ASP A 375 -6.02 0.87 43.26
C ASP A 375 -6.25 -0.64 43.15
N PRO A 376 -5.58 -1.45 44.01
CA PRO A 376 -5.74 -2.91 43.94
C PRO A 376 -7.07 -3.39 44.52
N GLY A 377 -7.66 -2.58 45.41
CA GLY A 377 -8.97 -2.83 46.00
C GLY A 377 -10.06 -2.76 44.95
N GLU A 378 -9.87 -1.85 43.97
CA GLU A 378 -10.74 -1.65 42.79
C GLU A 378 -10.65 -2.88 41.88
N LEU A 379 -9.43 -3.46 41.76
CA LEU A 379 -9.19 -4.65 40.94
C LEU A 379 -9.74 -5.91 41.61
N ALA A 380 -9.37 -6.14 42.89
CA ALA A 380 -9.81 -7.29 43.68
C ALA A 380 -11.34 -7.44 43.68
N ASN A 381 -12.06 -6.31 43.82
CA ASN A 381 -13.53 -6.26 43.82
C ASN A 381 -14.14 -6.65 42.47
N ALA A 382 -13.40 -6.37 41.36
CA ALA A 382 -13.79 -6.69 39.98
C ALA A 382 -13.61 -8.19 39.69
N ILE A 383 -12.51 -8.79 40.20
CA ILE A 383 -12.18 -10.22 40.08
C ILE A 383 -13.27 -11.05 40.81
N LEU A 384 -13.83 -10.49 41.92
CA LEU A 384 -14.92 -11.10 42.68
C LEU A 384 -16.22 -11.02 41.85
N LYS A 385 -16.46 -9.87 41.19
CA LYS A 385 -17.61 -9.60 40.31
C LYS A 385 -17.57 -10.52 39.08
N ALA A 386 -16.34 -10.79 38.59
CA ALA A 386 -16.03 -11.66 37.45
C ALA A 386 -16.43 -13.10 37.78
N LEU A 387 -16.13 -13.55 39.02
CA LEU A 387 -16.45 -14.88 39.55
C LEU A 387 -17.97 -15.05 39.67
N GLU A 388 -18.68 -13.99 40.11
CA GLU A 388 -20.13 -13.97 40.27
C GLU A 388 -20.84 -14.11 38.92
N LEU A 389 -20.24 -13.56 37.85
CA LEU A 389 -20.77 -13.63 36.49
C LEU A 389 -20.47 -14.99 35.85
N SER A 390 -19.32 -15.60 36.22
CA SER A 390 -18.80 -16.86 35.69
C SER A 390 -19.73 -18.07 35.82
N ARG A 391 -20.43 -18.21 36.96
CA ARG A 391 -21.34 -19.33 37.24
C ARG A 391 -22.50 -19.45 36.23
N SER A 392 -22.91 -18.31 35.63
CA SER A 392 -23.98 -18.23 34.64
C SER A 392 -23.45 -18.37 33.19
N ASP A 393 -24.33 -18.22 32.17
CA ASP A 393 -23.99 -18.35 30.75
C ASP A 393 -23.08 -17.23 30.26
N LEU A 394 -21.78 -17.51 30.25
CA LEU A 394 -20.73 -16.58 29.79
C LEU A 394 -20.61 -16.60 28.25
N SER A 395 -21.24 -17.61 27.62
CA SER A 395 -21.30 -17.89 26.18
C SER A 395 -21.65 -16.67 25.29
N LYS A 396 -22.68 -15.88 25.69
CA LYS A 396 -23.12 -14.71 24.92
C LYS A 396 -22.29 -13.45 25.20
N PHE A 397 -21.74 -13.34 26.44
CA PHE A 397 -20.89 -12.21 26.86
C PHE A 397 -19.55 -12.23 26.11
N ARG A 398 -19.04 -13.45 25.82
CA ARG A 398 -17.81 -13.70 25.08
C ARG A 398 -17.96 -13.34 23.60
N GLU A 399 -19.19 -13.50 23.04
CA GLU A 399 -19.47 -13.18 21.65
C GLU A 399 -19.53 -11.67 21.37
N ASN A 400 -19.91 -10.86 22.40
CA ASN A 400 -19.94 -9.39 22.32
C ASN A 400 -18.50 -8.87 22.26
N CYS A 401 -17.58 -9.54 22.98
CA CYS A 401 -16.14 -9.26 23.02
C CYS A 401 -15.51 -9.51 21.64
N LYS A 402 -15.83 -10.67 21.02
CA LYS A 402 -15.34 -11.06 19.70
C LYS A 402 -15.80 -10.06 18.63
N LYS A 403 -17.11 -9.71 18.65
CA LYS A 403 -17.74 -8.77 17.72
C LYS A 403 -17.18 -7.35 17.85
N ARG A 404 -16.99 -6.84 19.10
CA ARG A 404 -16.44 -5.50 19.34
C ARG A 404 -14.99 -5.40 18.86
N ALA A 405 -14.16 -6.40 19.20
CA ALA A 405 -12.76 -6.43 18.80
C ALA A 405 -12.60 -6.35 17.29
N MET A 406 -13.43 -7.08 16.53
CA MET A 406 -13.39 -7.05 15.06
C MET A 406 -13.83 -5.70 14.55
N SER A 407 -15.03 -5.21 14.99
CA SER A 407 -15.61 -3.93 14.58
C SER A 407 -14.70 -2.73 14.81
N PHE A 408 -14.02 -2.67 15.98
CA PHE A 408 -13.07 -1.62 16.38
C PHE A 408 -11.82 -1.65 15.50
N SER A 409 -11.27 -2.86 15.27
CA SER A 409 -10.06 -3.10 14.47
C SER A 409 -10.24 -2.71 13.01
N VAL A 410 -11.41 -3.05 12.41
CA VAL A 410 -11.74 -2.75 11.01
C VAL A 410 -12.04 -1.28 10.86
N ALA A 411 -12.62 -0.65 11.90
CA ALA A 411 -12.93 0.78 11.95
C ALA A 411 -11.63 1.56 11.94
N GLN A 412 -10.65 1.13 12.77
CA GLN A 412 -9.35 1.77 12.89
C GLN A 412 -8.46 1.56 11.67
N ALA A 413 -8.53 0.37 11.02
CA ALA A 413 -7.76 0.09 9.81
C ALA A 413 -8.20 1.01 8.67
N ARG A 414 -9.53 1.15 8.47
CA ARG A 414 -10.10 1.98 7.42
C ARG A 414 -9.91 3.49 7.73
N GLU A 415 -9.91 3.88 9.01
CA GLU A 415 -9.67 5.28 9.35
C GLU A 415 -8.20 5.62 9.18
N LYS A 416 -7.28 4.65 9.44
CA LYS A 416 -5.83 4.77 9.27
C LYS A 416 -5.53 4.95 7.80
N ARG A 417 -6.32 4.28 6.94
CA ARG A 417 -6.25 4.35 5.48
C ARG A 417 -6.71 5.72 4.99
N PHE A 418 -7.86 6.21 5.48
CA PHE A 418 -8.41 7.49 5.05
C PHE A 418 -7.47 8.64 5.35
N THR A 419 -6.73 8.54 6.46
CA THR A 419 -5.74 9.52 6.87
C THR A 419 -4.58 9.57 5.88
N PHE A 420 -4.18 8.40 5.32
CA PHE A 420 -3.08 8.34 4.36
C PHE A 420 -3.46 9.05 3.06
N VAL A 421 -4.69 8.80 2.59
CA VAL A 421 -5.26 9.35 1.36
C VAL A 421 -5.25 10.88 1.49
N LEU A 422 -5.61 11.38 2.68
CA LEU A 422 -5.64 12.79 3.01
C LEU A 422 -4.24 13.41 3.08
N ALA A 423 -3.21 12.59 3.34
CA ALA A 423 -1.83 13.07 3.33
C ALA A 423 -1.46 13.28 1.86
N VAL A 424 -1.85 12.31 0.98
CA VAL A 424 -1.61 12.38 -0.46
C VAL A 424 -2.22 13.67 -0.99
N VAL A 425 -3.51 13.96 -0.64
CA VAL A 425 -4.22 15.20 -0.99
C VAL A 425 -3.40 16.44 -0.61
N MET A 426 -2.81 16.44 0.61
CA MET A 426 -1.96 17.51 1.17
C MET A 426 -0.61 17.64 0.46
N GLY A 427 0.07 16.52 0.20
CA GLY A 427 1.36 16.52 -0.48
C GLY A 427 1.27 17.04 -1.89
N VAL A 428 0.26 16.54 -2.66
CA VAL A 428 0.00 16.93 -4.04
C VAL A 428 -0.31 18.44 -4.13
N TRP A 429 -1.01 19.02 -3.13
CA TRP A 429 -1.32 20.46 -3.07
C TRP A 429 -0.06 21.31 -2.87
N VAL A 430 0.77 20.87 -1.94
CA VAL A 430 2.02 21.53 -1.59
C VAL A 430 2.97 21.52 -2.80
N LEU A 431 3.05 20.37 -3.52
CA LEU A 431 3.91 20.26 -4.71
C LEU A 431 3.38 21.05 -5.89
N CYS A 432 2.05 21.18 -6.00
CA CYS A 432 1.39 21.95 -7.05
C CYS A 432 1.56 23.48 -6.88
N TRP A 433 1.59 23.97 -5.63
CA TRP A 433 1.72 25.40 -5.36
C TRP A 433 3.10 25.85 -4.97
N PHE A 434 4.02 24.93 -4.61
CA PHE A 434 5.37 25.30 -4.22
C PHE A 434 6.11 26.08 -5.28
N PRO A 435 6.13 25.66 -6.59
CA PRO A 435 6.84 26.47 -7.59
C PRO A 435 6.37 27.91 -7.66
N PHE A 436 5.04 28.15 -7.60
CA PHE A 436 4.54 29.52 -7.62
C PHE A 436 4.94 30.26 -6.36
N PHE A 437 4.64 29.70 -5.17
CA PHE A 437 4.88 30.40 -3.94
C PHE A 437 6.34 30.60 -3.70
N PHE A 438 7.18 29.68 -4.14
CA PHE A 438 8.61 29.88 -4.03
C PHE A 438 9.03 31.08 -4.89
N SER A 439 8.52 31.16 -6.15
CA SER A 439 8.81 32.25 -7.11
C SER A 439 8.24 33.59 -6.75
N TYR A 440 7.04 33.62 -6.21
CA TYR A 440 6.38 34.83 -5.80
C TYR A 440 7.12 35.40 -4.57
N SER A 441 7.57 34.52 -3.61
CA SER A 441 8.35 34.90 -2.42
C SER A 441 9.70 35.52 -2.79
N LEU A 442 10.44 34.90 -3.75
CA LEU A 442 11.71 35.41 -4.23
C LEU A 442 11.58 36.83 -4.76
N TYR A 443 10.63 37.09 -5.68
CA TYR A 443 10.32 38.42 -6.22
C TYR A 443 9.94 39.44 -5.11
N GLY A 444 9.30 38.95 -4.05
CA GLY A 444 8.98 39.78 -2.90
C GLY A 444 10.26 40.22 -2.23
N ILE A 445 11.25 39.30 -2.19
CA ILE A 445 12.56 39.55 -1.59
C ILE A 445 13.52 40.31 -2.54
N CYS A 446 14.09 39.65 -3.57
CA CYS A 446 15.10 40.29 -4.42
C CYS A 446 14.55 40.86 -5.71
N ARG A 447 13.23 40.89 -5.86
CA ARG A 447 12.57 41.52 -7.02
C ARG A 447 13.18 41.17 -8.38
N GLU A 448 13.77 42.16 -9.05
CA GLU A 448 14.40 42.05 -10.36
C GLU A 448 15.59 41.08 -10.41
N ALA A 449 16.53 41.20 -9.46
CA ALA A 449 17.72 40.36 -9.34
C ALA A 449 17.41 38.84 -9.29
N CYS A 450 16.16 38.47 -8.93
CA CYS A 450 15.70 37.10 -8.82
C CYS A 450 14.24 36.97 -9.25
N GLN A 451 13.92 37.46 -10.44
CA GLN A 451 12.57 37.40 -11.00
C GLN A 451 12.47 36.22 -11.92
N VAL A 452 11.59 35.27 -11.60
CA VAL A 452 11.34 34.10 -12.43
C VAL A 452 10.70 34.63 -13.71
N PRO A 453 11.13 34.19 -14.93
CA PRO A 453 10.54 34.76 -16.15
C PRO A 453 9.02 34.63 -16.22
N GLY A 454 8.39 35.63 -16.82
CA GLY A 454 6.95 35.70 -17.02
C GLY A 454 6.32 34.38 -17.44
N PRO A 455 6.81 33.73 -18.55
CA PRO A 455 6.23 32.44 -18.96
C PRO A 455 6.30 31.30 -17.96
N LEU A 456 7.35 31.22 -17.13
CA LEU A 456 7.51 30.18 -16.11
C LEU A 456 6.59 30.46 -14.93
N PHE A 457 6.52 31.73 -14.49
CA PHE A 457 5.68 32.19 -13.40
C PHE A 457 4.22 31.86 -13.71
N LYS A 458 3.75 32.17 -14.95
CA LYS A 458 2.40 31.88 -15.48
C LYS A 458 2.14 30.37 -15.43
N PHE A 459 3.08 29.53 -15.95
CA PHE A 459 2.94 28.08 -15.89
C PHE A 459 2.79 27.57 -14.46
N PHE A 460 3.58 28.13 -13.51
CA PHE A 460 3.60 27.78 -12.09
C PHE A 460 2.27 27.97 -11.38
N PHE A 461 1.49 29.01 -11.73
CA PHE A 461 0.20 29.16 -11.03
C PHE A 461 -0.89 28.36 -11.77
N TRP A 462 -0.59 27.89 -13.00
CA TRP A 462 -1.49 27.02 -13.76
C TRP A 462 -1.37 25.63 -13.18
N ILE A 463 -0.13 25.14 -12.84
CA ILE A 463 0.05 23.87 -12.10
C ILE A 463 -0.79 23.98 -10.81
N GLY A 464 -0.81 25.17 -10.22
CA GLY A 464 -1.59 25.47 -9.03
C GLY A 464 -3.07 25.30 -9.29
N TYR A 465 -3.55 25.85 -10.42
CA TYR A 465 -4.97 25.71 -10.82
C TYR A 465 -5.34 24.28 -11.14
N CYS A 466 -4.37 23.51 -11.66
CA CYS A 466 -4.56 22.11 -12.01
C CYS A 466 -4.81 21.29 -10.80
N ASN A 467 -4.32 21.75 -9.64
CA ASN A 467 -4.50 21.01 -8.40
C ASN A 467 -5.98 20.79 -8.03
N SER A 468 -6.85 21.73 -8.45
CA SER A 468 -8.29 21.72 -8.18
C SER A 468 -8.99 20.50 -8.81
N SER A 469 -8.43 19.93 -9.89
CA SER A 469 -8.96 18.77 -10.59
C SER A 469 -8.48 17.45 -10.03
N LEU A 470 -7.41 17.49 -9.21
CA LEU A 470 -6.67 16.32 -8.70
C LEU A 470 -7.29 15.56 -7.53
N ASN A 471 -7.80 16.24 -6.51
CA ASN A 471 -8.44 15.57 -5.36
C ASN A 471 -9.43 14.50 -5.81
N PRO A 472 -10.39 14.75 -6.75
CA PRO A 472 -11.28 13.66 -7.20
C PRO A 472 -10.56 12.44 -7.79
N VAL A 473 -9.38 12.63 -8.42
CA VAL A 473 -8.58 11.51 -8.96
C VAL A 473 -7.97 10.72 -7.77
N ILE A 474 -7.35 11.43 -6.81
CA ILE A 474 -6.76 10.85 -5.59
C ILE A 474 -7.79 9.99 -4.85
N TYR A 475 -9.00 10.53 -4.59
CA TYR A 475 -10.04 9.80 -3.90
C TYR A 475 -10.37 8.51 -4.64
N THR A 476 -10.72 8.58 -5.95
CA THR A 476 -11.01 7.42 -6.83
C THR A 476 -9.93 6.34 -6.69
N VAL A 477 -8.67 6.70 -7.02
CA VAL A 477 -7.47 5.85 -6.99
C VAL A 477 -7.20 5.19 -5.64
N PHE A 478 -7.12 5.98 -4.56
CA PHE A 478 -6.76 5.54 -3.21
C PHE A 478 -7.92 5.10 -2.27
N ASN A 479 -9.18 5.43 -2.58
CA ASN A 479 -10.33 5.12 -1.73
C ASN A 479 -11.41 4.35 -2.46
N GLN A 480 -11.79 3.18 -1.91
CA GLN A 480 -12.81 2.30 -2.48
C GLN A 480 -14.21 2.86 -2.42
N ASP A 481 -14.55 3.59 -1.36
CA ASP A 481 -15.88 4.16 -1.15
C ASP A 481 -16.24 5.29 -2.10
N PHE A 482 -15.25 6.12 -2.45
CA PHE A 482 -15.40 7.18 -3.44
C PHE A 482 -15.40 6.51 -4.82
N ARG A 483 -14.52 5.51 -5.06
CA ARG A 483 -14.50 4.76 -6.32
C ARG A 483 -15.87 4.14 -6.62
N ARG A 484 -16.45 3.46 -5.63
CA ARG A 484 -17.74 2.81 -5.77
C ARG A 484 -18.85 3.83 -5.99
N SER A 485 -18.80 4.98 -5.29
CA SER A 485 -19.77 6.07 -5.43
C SER A 485 -19.73 6.67 -6.84
N PHE A 486 -18.51 6.90 -7.34
CA PHE A 486 -18.28 7.46 -8.67
C PHE A 486 -18.77 6.50 -9.73
N LYS A 487 -18.42 5.20 -9.62
CA LYS A 487 -18.87 4.14 -10.53
C LYS A 487 -20.39 4.05 -10.59
N HIS A 488 -21.08 4.11 -9.43
CA HIS A 488 -22.56 4.09 -9.31
C HIS A 488 -23.22 5.27 -10.01
N ILE A 489 -22.57 6.45 -10.00
CA ILE A 489 -23.13 7.63 -10.68
C ILE A 489 -22.85 7.52 -12.19
N LEU A 490 -21.57 7.44 -12.56
CA LEU A 490 -21.08 7.41 -13.93
C LEU A 490 -21.51 6.21 -14.77
N PHE A 491 -21.54 4.99 -14.18
CA PHE A 491 -21.88 3.75 -14.90
C PHE A 491 -23.05 2.97 -14.30
N ARG A 492 -24.08 2.71 -15.11
CA ARG A 492 -25.28 1.99 -14.70
C ARG A 492 -25.70 0.94 -15.76
N PRO B 13 31.41 38.22 -25.90
CA PRO B 13 30.61 39.36 -26.38
C PRO B 13 29.18 39.44 -25.79
N PRO B 14 28.32 38.37 -25.74
CA PRO B 14 26.97 38.55 -25.14
C PRO B 14 26.94 38.19 -23.64
N ARG B 15 26.20 38.99 -22.83
CA ARG B 15 26.11 38.68 -21.38
C ARG B 15 24.69 38.21 -21.00
N GLY B 16 24.66 37.14 -20.19
CA GLY B 16 23.49 36.44 -19.71
C GLY B 16 22.40 37.24 -19.03
N GLN B 17 21.23 36.62 -18.98
CA GLN B 17 19.99 37.11 -18.37
C GLN B 17 20.15 37.00 -16.86
N TYR B 18 20.94 36.03 -16.41
CA TYR B 18 21.11 35.65 -15.03
C TYR B 18 22.11 36.52 -14.31
N SER B 19 21.62 37.19 -13.25
CA SER B 19 22.40 38.04 -12.37
C SER B 19 23.28 37.16 -11.51
N ALA B 20 24.38 37.73 -10.97
CA ALA B 20 25.34 37.07 -10.09
C ALA B 20 24.66 36.13 -9.05
N GLY B 21 23.57 36.62 -8.45
CA GLY B 21 22.76 35.88 -7.49
C GLY B 21 22.11 34.66 -8.12
N ALA B 22 21.34 34.88 -9.23
CA ALA B 22 20.66 33.80 -9.96
C ALA B 22 21.65 32.68 -10.33
N VAL B 23 22.78 33.04 -10.98
CA VAL B 23 23.84 32.10 -11.36
C VAL B 23 24.20 31.20 -10.16
N ALA B 24 24.46 31.81 -8.99
CA ALA B 24 24.83 31.12 -7.76
C ALA B 24 23.72 30.18 -7.25
N GLY B 25 22.49 30.69 -7.19
CA GLY B 25 21.32 29.92 -6.75
C GLY B 25 21.02 28.74 -7.65
N LEU B 26 21.05 28.98 -8.99
CA LEU B 26 20.82 27.97 -10.02
C LEU B 26 21.92 26.92 -10.04
N ALA B 27 23.16 27.35 -9.87
CA ALA B 27 24.28 26.40 -9.83
C ALA B 27 24.18 25.50 -8.60
N ALA B 28 23.66 26.03 -7.46
CA ALA B 28 23.49 25.30 -6.20
C ALA B 28 22.36 24.26 -6.30
N VAL B 29 21.21 24.61 -6.94
CA VAL B 29 20.08 23.70 -7.12
C VAL B 29 20.39 22.61 -8.18
N VAL B 30 21.12 22.98 -9.27
CA VAL B 30 21.55 22.01 -10.28
C VAL B 30 22.68 21.17 -9.70
N GLY B 31 23.52 21.81 -8.89
CA GLY B 31 24.62 21.17 -8.17
C GLY B 31 24.10 20.11 -7.24
N PHE B 32 23.09 20.48 -6.39
CA PHE B 32 22.43 19.55 -5.47
C PHE B 32 21.81 18.40 -6.26
N LEU B 33 20.96 18.72 -7.26
CA LEU B 33 20.29 17.77 -8.15
C LEU B 33 21.28 16.77 -8.77
N ILE B 34 22.45 17.24 -9.28
CA ILE B 34 23.45 16.34 -9.86
C ILE B 34 23.95 15.34 -8.80
N VAL B 35 24.26 15.83 -7.58
CA VAL B 35 24.76 15.02 -6.46
C VAL B 35 23.66 14.03 -6.02
N PHE B 36 22.41 14.49 -5.91
CA PHE B 36 21.28 13.65 -5.53
C PHE B 36 21.11 12.50 -6.54
N THR B 37 21.13 12.83 -7.85
CA THR B 37 20.98 11.89 -8.97
C THR B 37 22.10 10.87 -8.96
N VAL B 38 23.34 11.32 -8.74
CA VAL B 38 24.50 10.43 -8.71
C VAL B 38 24.42 9.45 -7.52
N VAL B 39 24.35 9.95 -6.27
CA VAL B 39 24.33 9.07 -5.10
C VAL B 39 23.13 8.12 -5.13
N GLY B 40 21.94 8.64 -5.43
CA GLY B 40 20.72 7.85 -5.50
C GLY B 40 20.82 6.69 -6.48
N ASN B 41 21.21 6.99 -7.73
CA ASN B 41 21.32 5.96 -8.77
C ASN B 41 22.51 5.04 -8.54
N VAL B 42 23.57 5.55 -7.86
CA VAL B 42 24.72 4.73 -7.50
C VAL B 42 24.26 3.70 -6.46
N LEU B 43 23.31 4.13 -5.60
CA LEU B 43 22.69 3.28 -4.58
C LEU B 43 21.83 2.19 -5.20
N VAL B 44 21.21 2.46 -6.37
CA VAL B 44 20.40 1.47 -7.12
C VAL B 44 21.35 0.39 -7.66
N VAL B 45 22.48 0.82 -8.25
CA VAL B 45 23.52 -0.06 -8.80
C VAL B 45 23.94 -1.11 -7.74
N ILE B 46 24.39 -0.63 -6.57
CA ILE B 46 24.83 -1.42 -5.41
C ILE B 46 23.70 -2.34 -4.91
N ALA B 47 22.44 -1.85 -4.88
CA ALA B 47 21.28 -2.63 -4.41
C ALA B 47 21.04 -3.91 -5.23
N VAL B 48 20.98 -3.79 -6.57
CA VAL B 48 20.77 -4.93 -7.49
C VAL B 48 22.00 -5.88 -7.51
N LEU B 49 23.21 -5.31 -7.34
CA LEU B 49 24.46 -6.09 -7.37
C LEU B 49 24.92 -6.61 -5.96
N THR B 50 23.98 -6.71 -4.97
CA THR B 50 24.30 -7.18 -3.62
C THR B 50 23.11 -7.93 -2.98
N SER B 51 21.90 -7.35 -3.03
CA SER B 51 20.70 -7.94 -2.45
C SER B 51 20.21 -9.17 -3.17
N ARG B 52 19.90 -10.23 -2.40
CA ARG B 52 19.41 -11.51 -2.91
C ARG B 52 17.98 -11.39 -3.43
N ALA B 53 17.24 -10.39 -2.92
CA ALA B 53 15.88 -10.05 -3.31
C ALA B 53 15.85 -9.41 -4.71
N LEU B 54 16.99 -8.81 -5.11
CA LEU B 54 17.18 -8.15 -6.41
C LEU B 54 18.19 -8.92 -7.33
N ARG B 55 18.62 -10.13 -6.90
CA ARG B 55 19.55 -10.99 -7.64
C ARG B 55 18.91 -11.63 -8.89
N ALA B 56 17.62 -11.35 -9.17
CA ALA B 56 16.93 -11.82 -10.37
C ALA B 56 17.56 -11.06 -11.57
N PRO B 57 17.82 -11.74 -12.72
CA PRO B 57 18.54 -11.10 -13.86
C PRO B 57 17.92 -9.82 -14.42
N GLN B 58 16.59 -9.78 -14.54
CA GLN B 58 15.80 -8.64 -15.04
C GLN B 58 16.12 -7.30 -14.36
N ASN B 59 16.63 -7.34 -13.11
CA ASN B 59 16.98 -6.14 -12.35
C ASN B 59 18.22 -5.42 -12.90
N LEU B 60 19.11 -6.13 -13.64
CA LEU B 60 20.32 -5.57 -14.24
C LEU B 60 19.99 -4.37 -15.15
N PHE B 61 18.75 -4.34 -15.72
CA PHE B 61 18.25 -3.26 -16.56
C PHE B 61 18.27 -1.94 -15.81
N LEU B 62 17.84 -1.96 -14.53
CA LEU B 62 17.82 -0.81 -13.61
C LEU B 62 19.24 -0.35 -13.22
N VAL B 63 20.29 -1.19 -13.42
CA VAL B 63 21.69 -0.83 -13.18
C VAL B 63 22.18 -0.04 -14.41
N SER B 64 21.81 -0.50 -15.62
CA SER B 64 22.12 0.18 -16.87
C SER B 64 21.33 1.51 -17.00
N LEU B 65 20.07 1.53 -16.52
CA LEU B 65 19.20 2.71 -16.48
C LEU B 65 19.71 3.67 -15.39
N ALA B 66 20.31 3.15 -14.29
CA ALA B 66 20.91 3.98 -13.21
C ALA B 66 22.15 4.66 -13.78
N SER B 67 22.95 3.90 -14.58
CA SER B 67 24.16 4.33 -15.29
C SER B 67 23.83 5.43 -16.29
N ALA B 68 22.68 5.31 -16.99
CA ALA B 68 22.21 6.30 -17.96
C ALA B 68 21.99 7.63 -17.24
N ASP B 69 21.23 7.61 -16.14
CA ASP B 69 20.89 8.76 -15.32
C ASP B 69 22.09 9.38 -14.57
N ILE B 70 23.15 8.58 -14.28
CA ILE B 70 24.39 9.09 -13.66
C ILE B 70 25.15 9.93 -14.72
N LEU B 71 25.30 9.37 -15.94
CA LEU B 71 25.95 9.99 -17.09
C LEU B 71 25.26 11.29 -17.48
N VAL B 72 23.91 11.35 -17.35
CA VAL B 72 23.09 12.55 -17.61
C VAL B 72 23.54 13.64 -16.63
N ALA B 73 23.51 13.31 -15.33
CA ALA B 73 23.86 14.22 -14.27
C ALA B 73 25.29 14.75 -14.38
N THR B 74 26.21 13.87 -14.78
CA THR B 74 27.63 14.19 -14.85
C THR B 74 28.08 14.85 -16.17
N LEU B 75 27.75 14.24 -17.34
CA LEU B 75 28.22 14.67 -18.68
C LEU B 75 27.35 15.64 -19.45
N VAL B 76 26.05 15.77 -19.13
CA VAL B 76 25.22 16.70 -19.92
C VAL B 76 24.66 17.84 -19.05
N MET B 77 24.14 17.51 -17.88
CA MET B 77 23.50 18.47 -16.99
C MET B 77 24.37 19.68 -16.56
N PRO B 78 25.70 19.60 -16.28
CA PRO B 78 26.43 20.83 -15.91
C PRO B 78 26.59 21.75 -17.13
N PHE B 79 26.75 21.15 -18.33
CA PHE B 79 26.92 21.87 -19.58
C PHE B 79 25.67 22.58 -20.02
N SER B 80 24.47 21.94 -19.85
CA SER B 80 23.16 22.55 -20.16
C SER B 80 22.99 23.84 -19.37
N LEU B 81 23.33 23.82 -18.06
CA LEU B 81 23.23 24.97 -17.20
C LEU B 81 24.33 25.99 -17.47
N ALA B 82 25.59 25.52 -17.63
CA ALA B 82 26.72 26.39 -17.90
C ALA B 82 26.45 27.21 -19.16
N ASN B 83 26.01 26.52 -20.24
CA ASN B 83 25.70 27.13 -21.54
C ASN B 83 24.60 28.19 -21.44
N GLU B 84 23.55 27.88 -20.64
CA GLU B 84 22.40 28.75 -20.37
C GLU B 84 22.84 30.08 -19.72
N LEU B 85 23.41 29.99 -18.50
CA LEU B 85 23.87 31.14 -17.70
C LEU B 85 24.86 32.03 -18.45
N MET B 86 25.82 31.41 -19.18
CA MET B 86 26.87 32.08 -19.95
C MET B 86 26.39 32.81 -21.20
N ALA B 87 25.23 32.40 -21.75
CA ALA B 87 24.61 32.96 -22.96
C ALA B 87 25.32 32.56 -24.27
N TYR B 88 26.19 31.52 -24.23
CA TYR B 88 26.95 30.97 -25.37
C TYR B 88 27.68 29.67 -25.01
N TRP B 89 28.30 29.02 -26.03
CA TRP B 89 29.07 27.79 -25.84
C TRP B 89 30.57 28.07 -25.70
N TYR B 90 31.04 28.09 -24.45
CA TYR B 90 32.42 28.34 -24.11
C TYR B 90 33.35 27.15 -24.42
N PHE B 91 32.83 25.90 -24.27
CA PHE B 91 33.55 24.60 -24.30
C PHE B 91 34.06 24.05 -25.67
N GLY B 92 33.85 24.78 -26.76
CA GLY B 92 34.35 24.41 -28.08
C GLY B 92 33.50 23.45 -28.90
N GLN B 93 33.71 23.49 -30.22
CA GLN B 93 33.05 22.73 -31.28
C GLN B 93 33.00 21.20 -31.08
N TRP B 94 34.07 20.58 -30.53
CA TRP B 94 34.09 19.13 -30.33
C TRP B 94 33.20 18.73 -29.17
N TRP B 95 33.33 19.42 -28.02
CA TRP B 95 32.49 19.11 -26.87
C TRP B 95 31.03 19.51 -27.11
N CYS B 96 30.79 20.41 -28.08
CA CYS B 96 29.42 20.80 -28.43
C CYS B 96 28.68 19.63 -29.08
N GLY B 97 29.36 18.96 -30.01
CA GLY B 97 28.87 17.80 -30.72
C GLY B 97 28.70 16.59 -29.82
N VAL B 98 29.62 16.39 -28.85
CA VAL B 98 29.53 15.26 -27.90
C VAL B 98 28.40 15.53 -26.90
N TYR B 99 28.35 16.76 -26.33
CA TYR B 99 27.31 17.16 -25.39
C TYR B 99 25.91 16.94 -25.97
N LEU B 100 25.69 17.41 -27.22
CA LEU B 100 24.40 17.25 -27.92
C LEU B 100 24.11 15.81 -28.29
N ALA B 101 25.13 15.05 -28.75
CA ALA B 101 25.00 13.63 -29.11
C ALA B 101 24.59 12.77 -27.92
N LEU B 102 25.25 12.98 -26.77
CA LEU B 102 25.02 12.28 -25.51
C LEU B 102 23.66 12.63 -24.89
N ASP B 103 23.31 13.94 -24.91
CA ASP B 103 22.08 14.45 -24.33
C ASP B 103 20.84 13.81 -24.96
N VAL B 104 20.90 13.60 -26.30
CA VAL B 104 19.87 12.91 -27.07
C VAL B 104 19.94 11.38 -26.75
N LEU B 105 21.16 10.77 -26.76
CA LEU B 105 21.37 9.34 -26.50
C LEU B 105 20.88 8.88 -25.13
N PHE B 106 21.16 9.64 -24.06
CA PHE B 106 20.71 9.25 -22.72
C PHE B 106 19.18 9.35 -22.56
N CYS B 107 18.54 10.24 -23.34
CA CYS B 107 17.08 10.39 -23.32
C CYS B 107 16.40 9.23 -24.08
N THR B 108 17.03 8.80 -25.19
CA THR B 108 16.53 7.71 -26.03
C THR B 108 16.77 6.38 -25.38
N SER B 109 17.98 6.18 -24.78
CA SER B 109 18.32 4.94 -24.09
C SER B 109 17.37 4.68 -22.92
N SER B 110 16.84 5.75 -22.27
CA SER B 110 15.83 5.67 -21.19
C SER B 110 14.51 5.15 -21.77
N ALA B 111 14.08 5.70 -22.91
CA ALA B 111 12.86 5.30 -23.58
C ALA B 111 12.97 3.86 -24.06
N VAL B 112 14.15 3.48 -24.66
CA VAL B 112 14.39 2.13 -25.18
C VAL B 112 14.53 1.09 -24.04
N HIS B 113 15.19 1.47 -22.91
CA HIS B 113 15.31 0.63 -21.71
C HIS B 113 13.91 0.28 -21.20
N LEU B 114 12.99 1.27 -21.25
CA LEU B 114 11.62 1.10 -20.78
C LEU B 114 10.77 0.31 -21.80
N CYS B 115 11.31 0.06 -23.01
CA CYS B 115 10.70 -0.79 -24.04
C CYS B 115 11.21 -2.22 -23.80
N ALA B 116 12.51 -2.36 -23.42
CA ALA B 116 13.17 -3.63 -23.10
C ALA B 116 12.59 -4.25 -21.80
N ILE B 117 12.36 -3.41 -20.77
CA ILE B 117 11.77 -3.82 -19.50
C ILE B 117 10.31 -4.19 -19.74
N SER B 118 9.53 -3.28 -20.37
CA SER B 118 8.13 -3.53 -20.67
C SER B 118 7.98 -4.86 -21.38
N LEU B 119 8.77 -5.08 -22.45
CA LEU B 119 8.75 -6.33 -23.23
C LEU B 119 9.24 -7.54 -22.46
N ASP B 120 10.14 -7.36 -21.46
CA ASP B 120 10.60 -8.44 -20.60
C ASP B 120 9.46 -8.94 -19.71
N ARG B 121 8.72 -8.02 -19.06
CA ARG B 121 7.56 -8.32 -18.20
C ARG B 121 6.48 -9.01 -19.01
N TYR B 122 6.34 -8.65 -20.31
CA TYR B 122 5.37 -9.25 -21.24
C TYR B 122 5.67 -10.74 -21.48
N TRP B 123 6.96 -11.09 -21.77
CA TRP B 123 7.36 -12.49 -21.97
C TRP B 123 7.25 -13.26 -20.64
N SER B 124 7.43 -12.54 -19.48
CA SER B 124 7.32 -13.11 -18.13
C SER B 124 5.87 -13.58 -17.89
N VAL B 125 4.91 -12.71 -18.29
CA VAL B 125 3.46 -12.87 -18.19
C VAL B 125 2.93 -13.91 -19.22
N THR B 126 3.25 -13.73 -20.52
CA THR B 126 2.85 -14.61 -21.64
C THR B 126 3.41 -16.05 -21.43
N GLN B 127 4.69 -16.27 -21.78
CA GLN B 127 5.34 -17.57 -21.63
C GLN B 127 5.97 -17.61 -20.24
N ALA B 128 5.12 -18.02 -19.28
CA ALA B 128 5.38 -18.10 -17.85
C ALA B 128 6.67 -18.84 -17.45
N VAL B 129 6.78 -20.15 -17.75
CA VAL B 129 7.94 -20.97 -17.32
C VAL B 129 9.04 -21.12 -18.41
N GLU B 130 8.67 -21.41 -19.67
CA GLU B 130 9.62 -21.61 -20.77
C GLU B 130 10.53 -20.40 -21.01
N TYR B 131 9.99 -19.17 -20.88
CA TYR B 131 10.82 -17.99 -21.11
C TYR B 131 11.26 -17.32 -19.77
N ASN B 132 11.19 -18.11 -18.67
CA ASN B 132 11.66 -17.73 -17.33
C ASN B 132 13.07 -18.30 -17.13
N LEU B 133 13.31 -19.52 -17.68
CA LEU B 133 14.60 -20.20 -17.67
C LEU B 133 15.56 -19.42 -18.58
N LYS B 134 15.03 -18.82 -19.67
CA LYS B 134 15.73 -18.00 -20.66
C LYS B 134 16.31 -16.73 -20.04
N ARG B 135 15.60 -16.10 -19.07
CA ARG B 135 16.05 -14.88 -18.39
C ARG B 135 17.31 -15.22 -17.55
N THR B 136 18.48 -15.03 -18.15
CA THR B 136 19.79 -15.35 -17.57
C THR B 136 20.60 -14.04 -17.44
N PRO B 137 21.51 -13.88 -16.44
CA PRO B 137 22.30 -12.64 -16.36
C PRO B 137 23.09 -12.34 -17.65
N ARG B 138 23.69 -13.38 -18.27
CA ARG B 138 24.44 -13.24 -19.52
C ARG B 138 23.53 -12.91 -20.71
N ARG B 139 22.26 -13.39 -20.66
CA ARG B 139 21.22 -13.14 -21.68
C ARG B 139 20.70 -11.72 -21.56
N VAL B 140 20.51 -11.24 -20.31
CA VAL B 140 20.02 -9.89 -19.98
C VAL B 140 21.12 -8.86 -20.29
N LYS B 141 22.41 -9.20 -20.03
CA LYS B 141 23.55 -8.32 -20.29
C LYS B 141 23.73 -8.02 -21.80
N ALA B 142 23.29 -8.97 -22.65
CA ALA B 142 23.27 -8.89 -24.11
C ALA B 142 22.14 -7.95 -24.56
N THR B 143 20.97 -7.99 -23.86
CA THR B 143 19.83 -7.09 -24.15
C THR B 143 20.22 -5.65 -23.76
N ILE B 144 20.98 -5.46 -22.65
CA ILE B 144 21.49 -4.16 -22.20
C ILE B 144 22.37 -3.54 -23.31
N VAL B 145 23.17 -4.38 -24.00
CA VAL B 145 23.97 -3.83 -25.10
C VAL B 145 23.08 -3.61 -26.32
N ALA B 146 22.09 -4.53 -26.55
CA ALA B 146 21.15 -4.43 -27.67
C ALA B 146 20.39 -3.11 -27.61
N VAL B 147 19.93 -2.72 -26.41
CA VAL B 147 19.19 -1.49 -26.17
C VAL B 147 20.09 -0.27 -26.29
N TRP B 148 21.35 -0.34 -25.78
CA TRP B 148 22.31 0.75 -25.89
C TRP B 148 22.69 1.04 -27.35
N LEU B 149 22.78 -0.02 -28.19
CA LEU B 149 23.06 0.07 -29.62
C LEU B 149 21.85 0.63 -30.37
N ILE B 150 20.63 0.13 -30.09
CA ILE B 150 19.39 0.58 -30.75
C ILE B 150 19.23 2.07 -30.53
N SER B 151 19.49 2.52 -29.28
CA SER B 151 19.44 3.91 -28.85
C SER B 151 20.28 4.81 -29.76
N ALA B 152 21.49 4.34 -30.16
CA ALA B 152 22.39 5.03 -31.08
C ALA B 152 21.78 5.12 -32.50
N VAL B 153 21.12 4.03 -32.98
CA VAL B 153 20.49 4.01 -34.32
C VAL B 153 19.29 4.96 -34.37
N ILE B 154 18.79 5.37 -33.21
CA ILE B 154 17.69 6.30 -33.10
C ILE B 154 18.25 7.72 -32.90
N SER B 155 19.09 7.92 -31.86
CA SER B 155 19.73 9.18 -31.50
C SER B 155 20.49 9.76 -32.67
N PHE B 156 21.39 8.95 -33.28
CA PHE B 156 22.21 9.33 -34.43
C PHE B 156 21.60 8.75 -35.71
N PRO B 157 20.92 9.62 -36.49
CA PRO B 157 20.20 9.15 -37.68
C PRO B 157 20.96 8.21 -38.60
N PRO B 158 20.30 7.09 -39.01
CA PRO B 158 20.94 6.15 -39.95
C PRO B 158 21.22 6.79 -41.30
N LEU B 159 20.47 7.87 -41.63
CA LEU B 159 20.60 8.67 -42.85
C LEU B 159 21.86 9.56 -42.84
N VAL B 160 22.79 9.29 -41.88
CA VAL B 160 24.07 9.96 -41.61
C VAL B 160 23.84 11.50 -41.60
N SER B 161 22.72 11.88 -40.97
CA SER B 161 22.27 13.25 -40.83
C SER B 161 23.02 13.99 -39.72
N LEU B 162 23.43 15.23 -40.02
CA LEU B 162 24.16 16.09 -39.11
C LEU B 162 23.24 16.65 -38.01
N TYR B 163 23.78 16.72 -36.78
CA TYR B 163 23.15 17.22 -35.56
C TYR B 163 23.25 18.74 -35.42
N ARG B 164 24.03 19.41 -36.32
CA ARG B 164 24.40 20.84 -36.31
C ARG B 164 25.28 21.10 -35.08
N PRO B 172 29.95 31.93 -30.31
CA PRO B 172 29.74 30.51 -30.62
C PRO B 172 28.56 29.91 -29.86
N GLN B 173 27.57 29.40 -30.60
CA GLN B 173 26.42 28.78 -29.97
C GLN B 173 26.50 27.25 -30.13
N CYS B 174 25.62 26.51 -29.45
CA CYS B 174 25.61 25.04 -29.48
C CYS B 174 24.19 24.52 -29.70
N GLY B 175 23.67 24.80 -30.88
CA GLY B 175 22.31 24.38 -31.20
C GLY B 175 22.20 22.99 -31.78
N LEU B 176 20.98 22.43 -31.75
CA LEU B 176 20.65 21.13 -32.31
C LEU B 176 20.00 21.34 -33.68
N ASN B 177 20.13 20.36 -34.57
CA ASN B 177 19.60 20.39 -35.94
C ASN B 177 18.14 20.88 -35.98
N ASP B 178 17.95 21.98 -36.69
CA ASP B 178 16.71 22.73 -36.84
C ASP B 178 15.79 22.26 -37.98
N GLU B 179 16.27 21.39 -38.90
CA GLU B 179 15.47 20.91 -40.04
C GLU B 179 14.16 20.29 -39.56
N THR B 180 13.03 20.73 -40.14
CA THR B 180 11.66 20.32 -39.83
C THR B 180 11.48 18.80 -39.73
N TRP B 181 12.18 18.03 -40.56
CA TRP B 181 12.00 16.59 -40.54
C TRP B 181 12.87 15.90 -39.53
N TYR B 182 14.03 16.47 -39.15
CA TYR B 182 14.84 15.85 -38.09
C TYR B 182 14.10 16.04 -36.75
N ILE B 183 13.54 17.25 -36.50
CA ILE B 183 12.77 17.58 -35.30
C ILE B 183 11.67 16.53 -35.10
N LEU B 184 10.78 16.36 -36.11
CA LEU B 184 9.61 15.47 -36.08
C LEU B 184 9.95 13.98 -36.08
N SER B 185 10.99 13.55 -36.80
CA SER B 185 11.33 12.13 -36.77
C SER B 185 11.96 11.76 -35.42
N SER B 186 12.78 12.67 -34.84
CA SER B 186 13.45 12.51 -33.55
C SER B 186 12.48 12.45 -32.33
N CYS B 187 11.36 13.17 -32.40
CA CYS B 187 10.34 13.15 -31.35
C CYS B 187 9.60 11.84 -31.38
N ILE B 188 9.33 11.34 -32.60
CA ILE B 188 8.66 10.05 -32.78
C ILE B 188 9.58 8.89 -32.37
N GLY B 189 10.83 8.93 -32.83
CA GLY B 189 11.84 7.92 -32.49
C GLY B 189 12.19 7.81 -31.02
N SER B 190 12.48 8.95 -30.36
CA SER B 190 12.89 8.95 -28.95
C SER B 190 11.76 9.09 -27.93
N PHE B 191 10.55 9.55 -28.32
CA PHE B 191 9.51 9.71 -27.33
C PHE B 191 8.21 9.01 -27.67
N PHE B 192 7.47 9.45 -28.71
CA PHE B 192 6.14 8.94 -29.03
C PHE B 192 6.08 7.43 -29.40
N ALA B 193 7.04 6.90 -30.21
CA ALA B 193 7.06 5.47 -30.56
C ALA B 193 7.37 4.61 -29.31
N PRO B 194 8.42 4.93 -28.49
CA PRO B 194 8.62 4.16 -27.25
C PRO B 194 7.46 4.31 -26.25
N CYS B 195 6.74 5.46 -26.25
CA CYS B 195 5.56 5.70 -25.41
C CYS B 195 4.41 4.83 -25.86
N LEU B 196 4.35 4.54 -27.17
CA LEU B 196 3.33 3.68 -27.76
C LEU B 196 3.63 2.24 -27.37
N ILE B 197 4.91 1.81 -27.52
CA ILE B 197 5.34 0.45 -27.15
C ILE B 197 5.00 0.19 -25.67
N MET B 198 5.52 1.02 -24.74
CA MET B 198 5.29 0.96 -23.29
C MET B 198 3.82 0.73 -22.91
N GLY B 199 2.94 1.57 -23.46
CA GLY B 199 1.50 1.58 -23.22
C GLY B 199 0.80 0.34 -23.71
N LEU B 200 1.06 -0.06 -24.97
CA LEU B 200 0.45 -1.24 -25.58
C LEU B 200 0.88 -2.54 -24.90
N VAL B 201 2.17 -2.64 -24.52
CA VAL B 201 2.75 -3.80 -23.83
C VAL B 201 2.13 -3.92 -22.43
N TYR B 202 2.05 -2.79 -21.68
CA TYR B 202 1.43 -2.76 -20.35
C TYR B 202 -0.08 -2.91 -20.40
N ALA B 203 -0.70 -2.70 -21.58
CA ALA B 203 -2.13 -2.93 -21.76
C ALA B 203 -2.35 -4.46 -21.74
N ARG B 204 -1.43 -5.23 -22.34
CA ARG B 204 -1.44 -6.70 -22.38
C ARG B 204 -1.12 -7.26 -20.98
N ILE B 205 -0.17 -6.62 -20.26
CA ILE B 205 0.26 -7.00 -18.91
C ILE B 205 -0.91 -6.97 -17.93
N TYR B 206 -1.61 -5.82 -17.81
CA TYR B 206 -2.75 -5.67 -16.90
C TYR B 206 -3.99 -6.46 -17.37
N ARG B 207 -3.95 -7.03 -18.59
CA ARG B 207 -5.01 -7.87 -19.16
C ARG B 207 -4.90 -9.32 -18.63
N VAL B 208 -3.69 -9.73 -18.22
CA VAL B 208 -3.39 -11.06 -17.66
C VAL B 208 -3.25 -10.93 -16.11
N ALA B 209 -3.25 -9.68 -15.60
CA ALA B 209 -3.19 -9.38 -14.16
C ALA B 209 -4.51 -9.75 -13.47
N LYS B 210 -5.63 -9.67 -14.24
CA LYS B 210 -6.98 -10.00 -13.79
C LYS B 210 -7.21 -11.52 -13.58
N LEU B 211 -6.19 -12.37 -13.89
CA LEU B 211 -6.28 -13.83 -13.72
C LEU B 211 -6.39 -14.27 -12.26
N ARG B 212 -5.82 -13.45 -11.33
CA ARG B 212 -5.78 -13.68 -9.87
C ARG B 212 -5.12 -15.04 -9.51
N THR B 213 -4.13 -15.44 -10.33
CA THR B 213 -3.37 -16.69 -10.17
C THR B 213 -2.43 -16.66 -8.95
N GLY B 214 -2.46 -15.58 -8.18
CA GLY B 214 -1.67 -15.43 -6.97
C GLY B 214 -2.28 -16.16 -5.80
N ILE B 215 -1.42 -16.83 -4.99
CA ILE B 215 -1.83 -17.56 -3.78
C ILE B 215 -2.00 -16.52 -2.68
N ASP B 216 -3.16 -16.52 -2.01
CA ASP B 216 -3.45 -15.58 -0.93
C ASP B 216 -2.72 -16.04 0.34
N CYS B 217 -1.38 -15.84 0.40
CA CYS B 217 -0.53 -16.22 1.54
C CYS B 217 -0.91 -15.45 2.80
N SER B 218 -1.57 -14.27 2.61
CA SER B 218 -2.12 -13.42 3.66
C SER B 218 -3.32 -14.12 4.35
N PHE B 219 -3.72 -15.30 3.81
CA PHE B 219 -4.81 -16.16 4.30
C PHE B 219 -4.34 -17.61 4.48
N TRP B 220 -3.88 -18.27 3.39
CA TRP B 220 -3.40 -19.66 3.39
C TRP B 220 -2.08 -19.78 4.13
N ASN B 221 -2.16 -19.83 5.47
CA ASN B 221 -1.01 -19.96 6.36
C ASN B 221 -1.44 -20.69 7.63
N GLU B 222 -0.73 -21.77 7.96
CA GLU B 222 -0.97 -22.61 9.14
C GLU B 222 -0.79 -21.83 10.45
N SER B 223 -0.12 -20.66 10.38
CA SER B 223 0.12 -19.74 11.48
C SER B 223 -1.21 -19.13 11.95
N TYR B 224 -2.17 -18.99 11.02
CA TYR B 224 -3.50 -18.45 11.29
C TYR B 224 -4.40 -19.48 11.93
N LEU B 225 -4.05 -20.77 11.86
CA LEU B 225 -4.78 -21.86 12.52
C LEU B 225 -4.35 -21.95 13.98
N THR B 226 -5.28 -22.33 14.86
CA THR B 226 -4.97 -22.50 16.29
C THR B 226 -5.20 -23.95 16.74
N GLY B 227 -4.40 -24.38 17.69
CA GLY B 227 -4.46 -25.72 18.25
C GLY B 227 -3.47 -26.65 17.60
N SER B 228 -3.49 -27.90 18.05
CA SER B 228 -2.61 -28.96 17.54
C SER B 228 -3.27 -29.52 16.28
N ARG B 229 -2.46 -29.91 15.26
CA ARG B 229 -2.94 -30.48 13.99
C ARG B 229 -3.61 -31.87 14.17
N ASP B 230 -3.05 -32.69 15.08
CA ASP B 230 -3.51 -34.04 15.45
C ASP B 230 -4.89 -33.96 16.12
N GLU B 231 -5.06 -32.94 16.98
CA GLU B 231 -6.26 -32.61 17.74
C GLU B 231 -7.32 -32.04 16.76
N ARG B 232 -6.85 -31.38 15.66
CA ARG B 232 -7.68 -30.83 14.58
C ARG B 232 -8.18 -31.96 13.67
N LYS B 233 -7.29 -32.91 13.29
CA LYS B 233 -7.63 -34.08 12.48
C LYS B 233 -8.58 -34.99 13.27
N LYS B 234 -8.35 -35.14 14.61
CA LYS B 234 -9.24 -35.96 15.43
C LYS B 234 -10.65 -35.36 15.44
N SER B 235 -10.78 -34.06 15.76
CA SER B 235 -12.07 -33.37 15.81
C SER B 235 -12.83 -33.37 14.49
N LEU B 236 -12.12 -33.28 13.35
CA LEU B 236 -12.70 -33.28 11.99
C LEU B 236 -13.40 -34.63 11.75
N LEU B 237 -12.67 -35.73 11.99
CA LEU B 237 -13.15 -37.11 11.83
C LEU B 237 -14.32 -37.38 12.78
N SER B 238 -14.26 -36.81 14.01
CA SER B 238 -15.31 -36.86 15.04
C SER B 238 -16.62 -36.17 14.57
N LYS B 239 -16.51 -35.07 13.78
CA LYS B 239 -17.66 -34.34 13.21
C LYS B 239 -18.36 -35.21 12.16
N PHE B 240 -17.58 -36.08 11.47
CA PHE B 240 -18.06 -37.03 10.47
C PHE B 240 -18.42 -38.39 11.12
N GLY B 241 -18.23 -38.49 12.44
CA GLY B 241 -18.52 -39.69 13.24
C GLY B 241 -17.61 -40.85 12.93
N MET B 242 -16.39 -40.56 12.42
CA MET B 242 -15.39 -41.53 12.02
C MET B 242 -14.27 -41.68 13.04
N ASP B 243 -13.64 -42.87 13.03
CA ASP B 243 -12.49 -43.24 13.85
C ASP B 243 -11.24 -42.60 13.21
N GLU B 244 -10.20 -42.33 14.02
CA GLU B 244 -8.93 -41.74 13.58
C GLU B 244 -8.18 -42.66 12.60
N GLY B 245 -7.63 -42.04 11.57
CA GLY B 245 -6.86 -42.69 10.52
C GLY B 245 -6.32 -41.67 9.53
N VAL B 246 -5.39 -42.09 8.67
CA VAL B 246 -4.73 -41.29 7.64
C VAL B 246 -5.76 -40.68 6.67
N THR B 247 -6.09 -39.40 6.90
CA THR B 247 -7.10 -38.67 6.17
C THR B 247 -6.58 -38.08 4.85
N PHE B 248 -7.22 -38.48 3.75
CA PHE B 248 -6.95 -38.05 2.37
C PHE B 248 -8.09 -37.17 1.94
N MET B 249 -7.78 -36.11 1.15
CA MET B 249 -8.82 -35.21 0.66
C MET B 249 -8.61 -34.86 -0.81
N PHE B 250 -9.74 -34.71 -1.53
CA PHE B 250 -9.83 -34.28 -2.92
C PHE B 250 -10.75 -33.08 -2.91
N ILE B 251 -10.35 -32.00 -3.58
CA ILE B 251 -11.13 -30.77 -3.64
C ILE B 251 -11.26 -30.29 -5.09
N GLY B 252 -12.46 -29.84 -5.45
CA GLY B 252 -12.78 -29.34 -6.77
C GLY B 252 -14.16 -29.76 -7.22
N ARG B 253 -14.35 -29.89 -8.54
CA ARG B 253 -15.63 -30.28 -9.14
C ARG B 253 -15.60 -31.71 -9.73
N PHE B 254 -16.79 -32.33 -9.82
CA PHE B 254 -16.96 -33.68 -10.32
C PHE B 254 -17.11 -33.71 -11.84
N ASP B 255 -16.00 -34.06 -12.53
CA ASP B 255 -15.91 -34.21 -13.99
C ASP B 255 -14.82 -35.23 -14.38
N ARG B 256 -14.94 -35.82 -15.58
CA ARG B 256 -14.02 -36.87 -16.09
C ARG B 256 -12.59 -36.38 -16.34
N GLY B 257 -12.45 -35.29 -17.10
CA GLY B 257 -11.18 -34.70 -17.49
C GLY B 257 -10.37 -34.04 -16.39
N GLN B 258 -10.07 -32.74 -16.61
CA GLN B 258 -9.27 -31.79 -15.81
C GLN B 258 -8.98 -32.18 -14.33
N LYS B 259 -10.02 -32.40 -13.50
CA LYS B 259 -9.89 -32.68 -12.07
C LYS B 259 -9.32 -34.09 -11.75
N GLY B 260 -9.76 -35.09 -12.50
CA GLY B 260 -9.34 -36.48 -12.34
C GLY B 260 -10.00 -37.25 -11.21
N VAL B 261 -11.27 -36.93 -10.89
CA VAL B 261 -12.09 -37.59 -9.87
C VAL B 261 -12.17 -39.08 -10.18
N ASP B 262 -12.36 -39.41 -11.48
CA ASP B 262 -12.46 -40.77 -12.03
C ASP B 262 -11.21 -41.61 -11.79
N VAL B 263 -10.04 -40.97 -11.62
CA VAL B 263 -8.78 -41.66 -11.33
C VAL B 263 -8.77 -42.04 -9.84
N LEU B 264 -9.33 -41.15 -8.97
CA LEU B 264 -9.41 -41.37 -7.53
C LEU B 264 -10.51 -42.38 -7.14
N LEU B 265 -11.73 -42.25 -7.69
CA LEU B 265 -12.85 -43.19 -7.41
C LEU B 265 -12.48 -44.63 -7.81
N LYS B 266 -11.75 -44.78 -8.96
CA LYS B 266 -11.26 -46.07 -9.45
C LYS B 266 -10.09 -46.57 -8.60
N ALA B 267 -9.25 -45.64 -8.07
CA ALA B 267 -8.11 -45.94 -7.20
C ALA B 267 -8.59 -46.42 -5.84
N ILE B 268 -9.73 -45.87 -5.36
CA ILE B 268 -10.37 -46.27 -4.09
C ILE B 268 -10.85 -47.75 -4.21
N GLU B 269 -11.33 -48.15 -5.41
CA GLU B 269 -11.79 -49.49 -5.71
C GLU B 269 -10.71 -50.57 -5.59
N ILE B 270 -9.42 -50.21 -5.85
CA ILE B 270 -8.27 -51.14 -5.75
C ILE B 270 -7.91 -51.31 -4.27
N LEU B 271 -7.95 -50.19 -3.52
CA LEU B 271 -7.64 -50.13 -2.10
C LEU B 271 -8.73 -50.83 -1.26
N SER B 272 -10.03 -50.60 -1.59
CA SER B 272 -11.19 -51.20 -0.89
C SER B 272 -11.13 -52.73 -0.89
N SER B 273 -10.43 -53.31 -1.89
CA SER B 273 -10.18 -54.74 -2.04
C SER B 273 -8.83 -55.15 -1.37
N LYS B 274 -8.39 -54.39 -0.34
CA LYS B 274 -7.17 -54.63 0.44
C LYS B 274 -7.34 -54.25 1.93
N LYS B 275 -6.69 -55.03 2.84
CA LYS B 275 -6.73 -54.86 4.30
C LYS B 275 -6.16 -53.50 4.80
N GLU B 276 -5.66 -52.67 3.86
CA GLU B 276 -5.08 -51.36 4.13
C GLU B 276 -6.11 -50.23 4.14
N PHE B 277 -7.24 -50.39 3.40
CA PHE B 277 -8.35 -49.42 3.32
C PHE B 277 -8.93 -49.07 4.69
N GLN B 278 -8.87 -50.03 5.64
CA GLN B 278 -9.32 -49.91 7.03
C GLN B 278 -8.72 -48.67 7.69
N GLU B 279 -7.38 -48.55 7.59
CA GLU B 279 -6.55 -47.49 8.17
C GLU B 279 -6.83 -46.11 7.57
N MET B 280 -6.95 -46.02 6.23
CA MET B 280 -7.23 -44.80 5.44
C MET B 280 -8.62 -44.25 5.70
N ARG B 281 -8.75 -42.92 5.59
CA ARG B 281 -10.02 -42.18 5.69
C ARG B 281 -10.08 -41.25 4.45
N PHE B 282 -11.29 -41.02 3.87
CA PHE B 282 -11.42 -40.17 2.69
C PHE B 282 -12.45 -39.04 2.79
N ILE B 283 -12.03 -37.82 2.42
CA ILE B 283 -12.87 -36.61 2.38
C ILE B 283 -12.89 -36.13 0.92
N ILE B 284 -13.72 -36.75 0.08
CA ILE B 284 -13.78 -36.37 -1.33
C ILE B 284 -14.85 -35.29 -1.57
N ILE B 285 -14.44 -34.15 -2.17
CA ILE B 285 -15.30 -32.99 -2.48
C ILE B 285 -15.39 -32.71 -3.99
N GLY B 286 -16.56 -33.01 -4.56
CA GLY B 286 -16.86 -32.82 -5.98
C GLY B 286 -18.33 -32.54 -6.24
N LYS B 287 -18.60 -31.69 -7.24
CA LYS B 287 -19.94 -31.26 -7.65
C LYS B 287 -20.01 -31.12 -9.18
N GLY B 288 -21.14 -31.51 -9.76
CA GLY B 288 -21.34 -31.42 -11.21
C GLY B 288 -22.28 -32.47 -11.79
N ASP B 289 -21.72 -33.37 -12.63
CA ASP B 289 -22.48 -34.44 -13.31
C ASP B 289 -22.80 -35.61 -12.36
N PRO B 290 -24.04 -36.16 -12.40
CA PRO B 290 -24.41 -37.24 -11.47
C PRO B 290 -23.77 -38.61 -11.74
N GLU B 291 -23.08 -38.79 -12.88
CA GLU B 291 -22.40 -40.04 -13.27
C GLU B 291 -21.32 -40.46 -12.27
N LEU B 292 -20.34 -39.56 -12.02
CA LEU B 292 -19.27 -39.81 -11.07
C LEU B 292 -19.80 -39.56 -9.65
N GLU B 293 -20.71 -38.57 -9.47
CA GLU B 293 -21.34 -38.22 -8.19
C GLU B 293 -22.10 -39.41 -7.57
N GLY B 294 -22.75 -40.20 -8.42
CA GLY B 294 -23.48 -41.41 -8.03
C GLY B 294 -22.52 -42.50 -7.63
N TRP B 295 -21.38 -42.58 -8.35
CA TRP B 295 -20.28 -43.53 -8.13
C TRP B 295 -19.60 -43.21 -6.79
N ALA B 296 -19.46 -41.92 -6.45
CA ALA B 296 -18.89 -41.48 -5.19
C ALA B 296 -19.84 -41.77 -4.02
N ARG B 297 -21.13 -41.37 -4.13
CA ARG B 297 -22.17 -41.58 -3.12
C ARG B 297 -22.37 -43.07 -2.79
N SER B 298 -22.25 -43.93 -3.83
CA SER B 298 -22.35 -45.39 -3.68
C SER B 298 -21.16 -45.90 -2.88
N LEU B 299 -19.97 -45.32 -3.10
CA LEU B 299 -18.76 -45.66 -2.33
C LEU B 299 -18.89 -45.12 -0.90
N GLU B 300 -19.66 -44.01 -0.70
CA GLU B 300 -19.93 -43.42 0.61
C GLU B 300 -20.93 -44.30 1.37
N GLU B 301 -21.92 -44.87 0.66
CA GLU B 301 -22.93 -45.77 1.22
C GLU B 301 -22.28 -47.14 1.52
N LYS B 302 -21.41 -47.62 0.59
CA LYS B 302 -20.65 -48.87 0.67
C LYS B 302 -19.68 -48.84 1.85
N HIS B 303 -18.93 -47.73 2.00
CA HIS B 303 -17.92 -47.52 3.06
C HIS B 303 -18.26 -46.30 3.93
N GLY B 304 -18.54 -46.54 5.21
CA GLY B 304 -18.77 -45.50 6.21
C GLY B 304 -17.45 -44.85 6.60
N ASN B 305 -16.44 -45.04 5.73
CA ASN B 305 -15.05 -44.61 5.77
C ASN B 305 -14.81 -43.43 4.79
N VAL B 306 -15.61 -43.37 3.71
CA VAL B 306 -15.52 -42.34 2.68
C VAL B 306 -16.62 -41.29 2.96
N LYS B 307 -16.30 -39.98 2.82
CA LYS B 307 -17.27 -38.89 3.01
C LYS B 307 -17.30 -37.98 1.79
N VAL B 308 -18.38 -38.11 1.00
CA VAL B 308 -18.64 -37.34 -0.21
C VAL B 308 -19.38 -36.06 0.15
N ILE B 309 -18.76 -34.91 -0.18
CA ILE B 309 -19.31 -33.59 0.04
C ILE B 309 -19.56 -32.98 -1.33
N THR B 310 -20.77 -32.46 -1.55
CA THR B 310 -21.14 -31.86 -2.84
C THR B 310 -21.27 -30.34 -2.71
N GLU B 311 -21.91 -29.87 -1.62
CA GLU B 311 -22.19 -28.46 -1.28
C GLU B 311 -20.95 -27.56 -1.36
N MET B 312 -21.15 -26.28 -1.73
CA MET B 312 -20.06 -25.31 -1.84
C MET B 312 -19.49 -24.99 -0.46
N LEU B 313 -18.21 -25.34 -0.24
CA LEU B 313 -17.50 -25.16 1.04
C LEU B 313 -16.76 -23.84 1.13
N SER B 314 -16.94 -23.14 2.28
CA SER B 314 -16.35 -21.85 2.64
C SER B 314 -14.83 -21.86 2.52
N ARG B 315 -14.24 -20.72 2.11
CA ARG B 315 -12.80 -20.52 1.94
C ARG B 315 -12.04 -20.82 3.25
N GLU B 316 -12.66 -20.50 4.40
CA GLU B 316 -12.10 -20.69 5.74
C GLU B 316 -12.07 -22.18 6.16
N PHE B 317 -13.13 -22.95 5.82
CA PHE B 317 -13.27 -24.37 6.14
C PHE B 317 -12.31 -25.25 5.33
N VAL B 318 -11.92 -24.78 4.13
CA VAL B 318 -10.96 -25.47 3.24
C VAL B 318 -9.56 -25.30 3.85
N ARG B 319 -9.27 -24.08 4.41
CA ARG B 319 -8.03 -23.74 5.10
C ARG B 319 -7.87 -24.64 6.34
N GLU B 320 -9.00 -24.95 7.02
CA GLU B 320 -9.06 -25.84 8.18
C GLU B 320 -8.82 -27.30 7.78
N LEU B 321 -9.39 -27.71 6.62
CA LEU B 321 -9.23 -29.06 6.08
C LEU B 321 -7.77 -29.28 5.64
N TYR B 322 -7.16 -28.31 4.89
CA TYR B 322 -5.76 -28.39 4.44
C TYR B 322 -4.85 -28.48 5.66
N GLY B 323 -5.26 -27.86 6.77
CA GLY B 323 -4.51 -27.85 8.02
C GLY B 323 -4.99 -28.83 9.08
N SER B 324 -5.51 -30.00 8.67
CA SER B 324 -5.96 -31.08 9.55
C SER B 324 -5.77 -32.42 8.85
N VAL B 325 -6.14 -32.52 7.56
CA VAL B 325 -5.95 -33.71 6.75
C VAL B 325 -4.46 -34.00 6.57
N ASP B 326 -4.11 -35.27 6.35
CA ASP B 326 -2.73 -35.68 6.21
C ASP B 326 -2.19 -35.46 4.81
N PHE B 327 -2.97 -35.85 3.80
CA PHE B 327 -2.59 -35.78 2.40
C PHE B 327 -3.68 -35.17 1.52
N VAL B 328 -3.27 -34.40 0.48
CA VAL B 328 -4.17 -33.80 -0.52
C VAL B 328 -3.92 -34.46 -1.87
N ILE B 329 -4.96 -35.12 -2.40
CA ILE B 329 -4.90 -35.82 -3.68
C ILE B 329 -5.28 -34.89 -4.81
N ILE B 330 -4.36 -34.72 -5.76
CA ILE B 330 -4.57 -33.91 -6.97
C ILE B 330 -4.31 -34.84 -8.18
N PRO B 331 -5.33 -35.63 -8.60
CA PRO B 331 -5.12 -36.58 -9.70
C PRO B 331 -5.47 -35.99 -11.08
N SER B 332 -5.00 -34.75 -11.31
CA SER B 332 -5.26 -33.94 -12.49
C SER B 332 -4.53 -34.40 -13.76
N TYR B 333 -5.25 -34.42 -14.90
CA TYR B 333 -4.71 -34.77 -16.24
C TYR B 333 -3.94 -33.58 -16.81
N PHE B 334 -4.48 -32.36 -16.62
CA PHE B 334 -3.92 -31.08 -17.06
C PHE B 334 -4.11 -30.05 -15.96
N GLU B 335 -2.99 -29.49 -15.48
CA GLU B 335 -2.95 -28.51 -14.38
C GLU B 335 -1.81 -27.51 -14.65
N PRO B 336 -2.13 -26.32 -15.24
CA PRO B 336 -1.05 -25.37 -15.58
C PRO B 336 -0.43 -24.65 -14.40
N PHE B 337 -1.24 -24.30 -13.39
CA PHE B 337 -0.73 -23.58 -12.24
C PHE B 337 -0.48 -24.48 -11.02
N GLY B 338 -1.53 -25.13 -10.52
CA GLY B 338 -1.43 -26.00 -9.35
C GLY B 338 -1.54 -25.25 -8.03
N LEU B 339 -2.53 -24.33 -7.95
CA LEU B 339 -2.81 -23.49 -6.79
C LEU B 339 -3.37 -24.29 -5.63
N VAL B 340 -4.19 -25.32 -5.91
CA VAL B 340 -4.75 -26.20 -4.88
C VAL B 340 -3.59 -26.74 -4.07
N ALA B 341 -2.55 -27.28 -4.76
CA ALA B 341 -1.31 -27.82 -4.20
C ALA B 341 -0.56 -26.80 -3.36
N LEU B 342 -0.47 -25.53 -3.85
CA LEU B 342 0.23 -24.45 -3.16
C LEU B 342 -0.50 -24.04 -1.90
N GLU B 343 -1.84 -23.93 -1.99
CA GLU B 343 -2.74 -23.61 -0.87
C GLU B 343 -2.71 -24.74 0.16
N ALA B 344 -2.66 -26.00 -0.30
CA ALA B 344 -2.61 -27.19 0.54
C ALA B 344 -1.27 -27.30 1.25
N MET B 345 -0.17 -27.02 0.51
CA MET B 345 1.18 -27.09 1.02
C MET B 345 1.47 -26.04 2.08
N CYS B 346 0.96 -24.82 1.88
CA CYS B 346 1.12 -23.72 2.83
C CYS B 346 0.45 -23.98 4.17
N LEU B 347 -0.53 -24.92 4.20
CA LEU B 347 -1.26 -25.32 5.40
C LEU B 347 -0.67 -26.58 6.09
N GLY B 348 0.26 -27.23 5.42
CA GLY B 348 0.95 -28.39 5.98
C GLY B 348 0.64 -29.72 5.35
N ALA B 349 -0.43 -29.78 4.54
CA ALA B 349 -0.86 -31.01 3.86
C ALA B 349 0.18 -31.45 2.84
N ILE B 350 0.50 -32.76 2.85
CA ILE B 350 1.46 -33.38 1.93
C ILE B 350 0.70 -33.78 0.66
N PRO B 351 1.02 -33.27 -0.55
CA PRO B 351 0.21 -33.66 -1.71
C PRO B 351 0.64 -34.94 -2.43
N ILE B 352 -0.37 -35.65 -2.93
CA ILE B 352 -0.21 -36.81 -3.80
C ILE B 352 -0.80 -36.30 -5.12
N ALA B 353 0.06 -35.89 -6.05
CA ALA B 353 -0.41 -35.32 -7.31
C ALA B 353 0.28 -35.90 -8.53
N SER B 354 -0.42 -35.86 -9.67
CA SER B 354 0.11 -36.31 -10.96
C SER B 354 1.12 -35.28 -11.48
N ALA B 355 2.25 -35.77 -12.04
CA ALA B 355 3.30 -34.89 -12.56
C ALA B 355 2.90 -34.26 -13.91
N VAL B 356 1.93 -33.32 -13.87
CA VAL B 356 1.40 -32.60 -15.03
C VAL B 356 1.51 -31.08 -14.83
N GLY B 357 2.01 -30.39 -15.86
CA GLY B 357 2.19 -28.95 -15.92
C GLY B 357 2.86 -28.30 -14.72
N GLY B 358 2.07 -27.54 -13.97
CA GLY B 358 2.49 -26.80 -12.78
C GLY B 358 2.80 -27.63 -11.56
N LEU B 359 2.04 -28.74 -11.33
CA LEU B 359 2.24 -29.63 -10.18
C LEU B 359 3.66 -30.21 -10.17
N ARG B 360 4.12 -30.69 -11.34
CA ARG B 360 5.48 -31.23 -11.62
C ARG B 360 6.56 -30.12 -11.42
N ASP B 361 6.16 -28.84 -11.54
CA ASP B 361 7.00 -27.65 -11.35
C ASP B 361 7.01 -27.18 -9.87
N ILE B 362 6.02 -27.61 -9.06
CA ILE B 362 5.95 -27.27 -7.63
C ILE B 362 6.48 -28.43 -6.78
N ILE B 363 5.84 -29.60 -6.90
CA ILE B 363 6.17 -30.81 -6.14
C ILE B 363 7.47 -31.46 -6.64
N THR B 364 8.38 -31.71 -5.70
CA THR B 364 9.65 -32.38 -5.96
C THR B 364 9.69 -33.74 -5.21
N ASN B 365 10.91 -34.28 -4.97
CA ASN B 365 11.13 -35.55 -4.29
C ASN B 365 10.95 -35.41 -2.77
N GLU B 366 11.41 -34.26 -2.21
CA GLU B 366 11.38 -33.94 -0.78
C GLU B 366 10.07 -33.30 -0.31
N THR B 367 9.31 -32.70 -1.24
CA THR B 367 8.08 -32.01 -0.88
C THR B 367 6.85 -32.93 -0.86
N GLY B 368 6.59 -33.66 -1.94
CA GLY B 368 5.45 -34.57 -2.00
C GLY B 368 5.65 -35.84 -2.79
N ILE B 369 4.52 -36.44 -3.23
CA ILE B 369 4.52 -37.69 -4.01
C ILE B 369 3.92 -37.45 -5.41
N LEU B 370 4.81 -37.39 -6.44
CA LEU B 370 4.42 -37.21 -7.84
C LEU B 370 4.16 -38.57 -8.50
N VAL B 371 3.12 -38.65 -9.35
CA VAL B 371 2.71 -39.86 -10.07
C VAL B 371 2.43 -39.57 -11.55
N LYS B 372 1.76 -40.51 -12.24
CA LYS B 372 1.36 -40.34 -13.63
C LYS B 372 -0.16 -40.33 -13.74
N ALA B 373 -0.69 -39.28 -14.38
CA ALA B 373 -2.13 -39.05 -14.55
C ALA B 373 -2.79 -40.12 -15.42
N GLY B 374 -3.90 -40.64 -14.94
CA GLY B 374 -4.68 -41.64 -15.66
C GLY B 374 -4.61 -43.08 -15.18
N ASP B 375 -3.65 -43.40 -14.28
CA ASP B 375 -3.52 -44.77 -13.77
C ASP B 375 -4.00 -44.89 -12.31
N PRO B 376 -5.17 -45.55 -12.07
CA PRO B 376 -5.67 -45.70 -10.68
C PRO B 376 -4.79 -46.59 -9.82
N GLY B 377 -4.09 -47.53 -10.45
CA GLY B 377 -3.18 -48.46 -9.80
C GLY B 377 -1.91 -47.79 -9.29
N GLU B 378 -1.47 -46.73 -9.98
CA GLU B 378 -0.30 -45.92 -9.64
C GLU B 378 -0.67 -44.94 -8.51
N LEU B 379 -1.94 -44.46 -8.49
CA LEU B 379 -2.47 -43.56 -7.46
C LEU B 379 -2.79 -44.35 -6.18
N ALA B 380 -3.36 -45.57 -6.33
CA ALA B 380 -3.67 -46.47 -5.21
C ALA B 380 -2.36 -46.91 -4.54
N ASN B 381 -1.29 -47.10 -5.34
CA ASN B 381 0.05 -47.47 -4.89
C ASN B 381 0.68 -46.30 -4.13
N ALA B 382 0.41 -45.06 -4.60
CA ALA B 382 0.90 -43.83 -3.96
C ALA B 382 0.17 -43.62 -2.65
N ILE B 383 -1.16 -43.88 -2.61
CA ILE B 383 -1.99 -43.80 -1.41
C ILE B 383 -1.48 -44.88 -0.43
N LEU B 384 -1.11 -46.07 -0.95
CA LEU B 384 -0.55 -47.17 -0.14
C LEU B 384 0.89 -46.86 0.29
N LYS B 385 1.56 -45.87 -0.36
CA LYS B 385 2.91 -45.43 0.00
C LYS B 385 2.78 -44.29 1.06
N ALA B 386 1.66 -43.53 0.98
CA ALA B 386 1.31 -42.45 1.90
C ALA B 386 1.02 -43.03 3.29
N LEU B 387 0.26 -44.16 3.34
CA LEU B 387 -0.05 -44.90 4.56
C LEU B 387 1.24 -45.46 5.21
N GLU B 388 2.17 -46.00 4.39
CA GLU B 388 3.47 -46.52 4.82
C GLU B 388 4.29 -45.41 5.50
N LEU B 389 4.26 -44.19 4.90
CA LEU B 389 4.97 -43.01 5.39
C LEU B 389 4.40 -42.44 6.66
N SER B 390 3.06 -42.44 6.77
CA SER B 390 2.34 -41.90 7.93
C SER B 390 2.61 -42.63 9.26
N ARG B 391 2.99 -43.92 9.20
CA ARG B 391 3.31 -44.77 10.35
C ARG B 391 4.47 -44.23 11.20
N SER B 392 5.32 -43.36 10.60
CA SER B 392 6.44 -42.68 11.24
C SER B 392 6.13 -41.18 11.28
N ASP B 393 7.01 -40.37 11.89
CA ASP B 393 6.81 -38.93 11.98
C ASP B 393 6.81 -38.26 10.60
N LEU B 394 5.68 -37.63 10.25
CA LEU B 394 5.51 -36.91 8.98
C LEU B 394 5.77 -35.40 9.10
N SER B 395 6.08 -34.88 10.32
CA SER B 395 6.30 -33.46 10.61
C SER B 395 7.34 -32.77 9.73
N LYS B 396 8.42 -33.48 9.34
CA LYS B 396 9.49 -32.96 8.48
C LYS B 396 8.97 -32.74 7.06
N PHE B 397 8.10 -33.64 6.57
CA PHE B 397 7.49 -33.55 5.24
C PHE B 397 6.63 -32.28 5.11
N ARG B 398 5.85 -31.97 6.16
CA ARG B 398 4.94 -30.81 6.25
C ARG B 398 5.72 -29.48 6.31
N GLU B 399 6.84 -29.47 7.07
CA GLU B 399 7.76 -28.34 7.22
C GLU B 399 8.48 -28.10 5.90
N ASN B 400 8.66 -29.16 5.07
CA ASN B 400 9.25 -29.12 3.73
C ASN B 400 8.18 -28.61 2.75
N CYS B 401 6.90 -28.90 3.04
CA CYS B 401 5.75 -28.52 2.23
C CYS B 401 5.48 -27.03 2.32
N LYS B 402 5.43 -26.49 3.56
CA LYS B 402 5.23 -25.06 3.82
C LYS B 402 6.40 -24.27 3.19
N LYS B 403 7.67 -24.69 3.47
CA LYS B 403 8.92 -24.09 2.99
C LYS B 403 9.00 -23.95 1.46
N ARG B 404 8.68 -25.03 0.72
CA ARG B 404 8.70 -25.08 -0.74
C ARG B 404 7.58 -24.23 -1.36
N ALA B 405 6.40 -24.21 -0.74
CA ALA B 405 5.26 -23.45 -1.25
C ALA B 405 5.37 -21.93 -1.00
N MET B 406 5.87 -21.52 0.18
CA MET B 406 6.03 -20.10 0.54
C MET B 406 7.12 -19.42 -0.28
N SER B 407 8.12 -20.20 -0.75
CA SER B 407 9.20 -19.71 -1.61
C SER B 407 8.68 -19.43 -3.03
N PHE B 408 7.56 -20.10 -3.41
CA PHE B 408 6.89 -19.93 -4.69
C PHE B 408 6.03 -18.66 -4.66
N SER B 409 5.34 -18.42 -3.52
CA SER B 409 4.46 -17.27 -3.27
C SER B 409 5.26 -15.97 -3.24
N VAL B 410 6.49 -16.00 -2.66
CA VAL B 410 7.38 -14.83 -2.59
C VAL B 410 8.00 -14.53 -3.93
N ALA B 411 8.28 -15.57 -4.74
CA ALA B 411 8.83 -15.45 -6.08
C ALA B 411 7.83 -14.75 -7.02
N GLN B 412 6.52 -15.07 -6.85
CA GLN B 412 5.44 -14.49 -7.63
C GLN B 412 5.14 -13.07 -7.18
N ALA B 413 5.17 -12.81 -5.85
CA ALA B 413 4.94 -11.49 -5.25
C ALA B 413 6.05 -10.51 -5.60
N ARG B 414 7.33 -11.01 -5.68
CA ARG B 414 8.51 -10.24 -6.08
C ARG B 414 8.42 -9.86 -7.55
N GLU B 415 7.78 -10.71 -8.36
CA GLU B 415 7.58 -10.48 -9.78
C GLU B 415 6.40 -9.52 -10.00
N LYS B 416 5.34 -9.67 -9.18
CA LYS B 416 4.13 -8.87 -9.19
C LYS B 416 4.41 -7.41 -8.85
N ARG B 417 5.27 -7.18 -7.82
CA ARG B 417 5.69 -5.85 -7.35
C ARG B 417 6.55 -5.19 -8.38
N PHE B 418 7.54 -5.93 -8.90
CA PHE B 418 8.49 -5.44 -9.91
C PHE B 418 7.80 -4.92 -11.19
N THR B 419 6.73 -5.61 -11.63
CA THR B 419 5.93 -5.21 -12.79
C THR B 419 5.19 -3.91 -12.46
N PHE B 420 4.72 -3.76 -11.20
CA PHE B 420 3.99 -2.56 -10.74
C PHE B 420 4.91 -1.35 -10.60
N VAL B 421 6.01 -1.47 -9.81
CA VAL B 421 6.99 -0.41 -9.55
C VAL B 421 7.49 0.14 -10.88
N LEU B 422 7.60 -0.73 -11.88
CA LEU B 422 8.04 -0.31 -13.20
C LEU B 422 6.93 0.30 -14.08
N ALA B 423 5.63 0.15 -13.75
CA ALA B 423 4.56 0.86 -14.49
C ALA B 423 4.64 2.33 -14.06
N VAL B 424 4.99 2.55 -12.76
CA VAL B 424 5.17 3.82 -12.06
C VAL B 424 6.38 4.56 -12.66
N VAL B 425 7.55 3.89 -12.78
CA VAL B 425 8.79 4.47 -13.36
C VAL B 425 8.49 5.01 -14.79
N MET B 426 7.82 4.17 -15.62
CA MET B 426 7.44 4.46 -17.00
C MET B 426 6.45 5.61 -17.05
N GLY B 427 5.44 5.57 -16.17
CA GLY B 427 4.41 6.59 -16.05
C GLY B 427 4.99 7.93 -15.68
N VAL B 428 5.94 7.94 -14.72
CA VAL B 428 6.67 9.12 -14.26
C VAL B 428 7.58 9.67 -15.37
N TRP B 429 8.25 8.80 -16.16
CA TRP B 429 9.15 9.20 -17.27
C TRP B 429 8.38 9.92 -18.36
N VAL B 430 7.19 9.43 -18.70
CA VAL B 430 6.34 10.04 -19.73
C VAL B 430 5.91 11.45 -19.29
N LEU B 431 5.40 11.62 -18.04
CA LEU B 431 4.98 12.93 -17.51
C LEU B 431 6.10 13.94 -17.47
N CYS B 432 7.32 13.47 -17.25
CA CYS B 432 8.50 14.32 -17.20
C CYS B 432 8.93 14.83 -18.58
N TRP B 433 8.86 13.95 -19.60
CA TRP B 433 9.28 14.31 -20.95
C TRP B 433 8.17 14.78 -21.86
N PHE B 434 6.89 14.57 -21.51
CA PHE B 434 5.79 15.00 -22.35
C PHE B 434 5.83 16.51 -22.61
N PRO B 435 5.94 17.41 -21.58
CA PRO B 435 5.95 18.86 -21.87
C PRO B 435 6.93 19.27 -22.95
N PHE B 436 8.22 18.88 -22.86
CA PHE B 436 9.25 19.18 -23.85
C PHE B 436 8.98 18.55 -25.20
N PHE B 437 8.76 17.22 -25.23
CA PHE B 437 8.56 16.50 -26.50
C PHE B 437 7.33 16.94 -27.29
N PHE B 438 6.27 17.42 -26.61
CA PHE B 438 5.06 17.94 -27.23
C PHE B 438 5.41 19.34 -27.75
N SER B 439 6.17 20.14 -26.94
CA SER B 439 6.62 21.50 -27.27
C SER B 439 7.53 21.54 -28.47
N TYR B 440 8.53 20.65 -28.50
CA TYR B 440 9.50 20.48 -29.58
C TYR B 440 8.77 20.10 -30.89
N SER B 441 7.79 19.15 -30.81
CA SER B 441 6.96 18.66 -31.92
C SER B 441 6.12 19.77 -32.50
N LEU B 442 5.38 20.48 -31.63
CA LEU B 442 4.57 21.61 -32.05
C LEU B 442 5.43 22.58 -32.89
N TYR B 443 6.63 22.96 -32.39
CA TYR B 443 7.59 23.86 -33.00
C TYR B 443 7.95 23.40 -34.42
N GLY B 444 8.30 22.12 -34.56
CA GLY B 444 8.62 21.53 -35.86
C GLY B 444 7.49 21.67 -36.87
N ILE B 445 6.24 21.71 -36.39
CA ILE B 445 5.04 21.83 -37.24
C ILE B 445 4.67 23.29 -37.57
N CYS B 446 4.54 24.16 -36.56
CA CYS B 446 4.10 25.54 -36.81
C CYS B 446 5.11 26.63 -36.43
N ARG B 447 6.30 26.27 -35.98
CA ARG B 447 7.42 27.18 -35.66
C ARG B 447 6.99 28.34 -34.74
N GLU B 448 7.19 29.62 -35.14
CA GLU B 448 6.86 30.77 -34.27
C GLU B 448 5.35 30.99 -34.10
N ALA B 449 4.49 30.27 -34.85
CA ALA B 449 3.04 30.32 -34.72
C ALA B 449 2.54 29.45 -33.54
N CYS B 450 3.38 28.54 -33.04
CA CYS B 450 3.05 27.70 -31.89
C CYS B 450 4.31 27.39 -31.07
N GLN B 451 5.18 28.40 -30.93
CA GLN B 451 6.42 28.27 -30.21
C GLN B 451 6.17 28.56 -28.74
N VAL B 452 6.31 27.56 -27.86
CA VAL B 452 6.11 27.82 -26.44
C VAL B 452 7.23 28.78 -25.98
N PRO B 453 6.97 29.71 -25.04
CA PRO B 453 7.99 30.69 -24.72
C PRO B 453 9.32 30.11 -24.26
N GLY B 454 10.40 30.75 -24.75
CA GLY B 454 11.79 30.42 -24.47
C GLY B 454 11.98 29.89 -23.07
N PRO B 455 11.66 30.67 -21.99
CA PRO B 455 11.85 30.16 -20.61
C PRO B 455 11.12 28.87 -20.29
N LEU B 456 9.88 28.74 -20.76
CA LEU B 456 9.06 27.57 -20.48
C LEU B 456 9.57 26.34 -21.21
N PHE B 457 10.03 26.48 -22.45
CA PHE B 457 10.62 25.40 -23.21
C PHE B 457 11.89 24.87 -22.48
N LYS B 458 12.77 25.78 -21.99
CA LYS B 458 14.00 25.48 -21.22
C LYS B 458 13.70 24.73 -19.90
N PHE B 459 12.60 25.12 -19.19
CA PHE B 459 12.19 24.48 -17.94
C PHE B 459 11.75 23.08 -18.25
N PHE B 460 10.95 22.89 -19.32
CA PHE B 460 10.45 21.61 -19.78
C PHE B 460 11.53 20.53 -19.94
N PHE B 461 12.72 20.86 -20.46
CA PHE B 461 13.72 19.82 -20.55
C PHE B 461 14.45 19.63 -19.23
N TRP B 462 14.39 20.63 -18.32
CA TRP B 462 14.93 20.49 -16.97
C TRP B 462 14.02 19.63 -16.14
N ILE B 463 12.68 19.61 -16.42
CA ILE B 463 11.76 18.66 -15.80
C ILE B 463 12.22 17.27 -16.27
N GLY B 464 12.63 17.20 -17.54
CA GLY B 464 13.15 15.99 -18.18
C GLY B 464 14.37 15.44 -17.48
N TYR B 465 15.35 16.33 -17.19
CA TYR B 465 16.59 16.04 -16.47
C TYR B 465 16.33 15.66 -15.01
N CYS B 466 15.22 16.18 -14.40
CA CYS B 466 14.83 15.89 -13.02
C CYS B 466 14.42 14.47 -12.86
N ASN B 467 13.89 13.84 -13.95
CA ASN B 467 13.45 12.44 -13.96
C ASN B 467 14.60 11.50 -13.62
N SER B 468 15.84 11.95 -13.84
CA SER B 468 17.02 11.14 -13.54
C SER B 468 17.24 10.91 -12.06
N SER B 469 16.67 11.75 -11.19
CA SER B 469 16.83 11.60 -9.73
C SER B 469 15.66 10.88 -9.08
N LEU B 470 14.52 10.79 -9.80
CA LEU B 470 13.24 10.24 -9.33
C LEU B 470 13.18 8.73 -9.15
N ASN B 471 13.83 7.95 -10.06
CA ASN B 471 13.81 6.48 -10.05
C ASN B 471 14.23 5.87 -8.71
N PRO B 472 15.38 6.29 -8.09
CA PRO B 472 15.72 5.74 -6.76
C PRO B 472 14.70 6.10 -5.68
N VAL B 473 13.94 7.20 -5.86
CA VAL B 473 12.86 7.63 -4.97
C VAL B 473 11.63 6.70 -5.20
N ILE B 474 11.31 6.38 -6.47
CA ILE B 474 10.22 5.48 -6.86
C ILE B 474 10.42 4.07 -6.28
N TYR B 475 11.66 3.55 -6.33
CA TYR B 475 11.97 2.22 -5.80
C TYR B 475 11.84 2.21 -4.29
N THR B 476 12.40 3.22 -3.59
CA THR B 476 12.34 3.30 -2.13
C THR B 476 10.90 3.24 -1.67
N VAL B 477 10.04 4.09 -2.27
CA VAL B 477 8.62 4.21 -1.94
C VAL B 477 7.83 2.93 -2.26
N PHE B 478 7.89 2.43 -3.52
CA PHE B 478 7.04 1.31 -3.98
C PHE B 478 7.61 -0.12 -3.91
N ASN B 479 8.91 -0.30 -3.79
CA ASN B 479 9.48 -1.64 -3.68
C ASN B 479 10.16 -1.85 -2.33
N GLN B 480 9.59 -2.75 -1.51
CA GLN B 480 10.10 -3.08 -0.17
C GLN B 480 11.54 -3.62 -0.18
N ASP B 481 11.94 -4.38 -1.22
CA ASP B 481 13.26 -4.99 -1.38
C ASP B 481 14.37 -3.95 -1.59
N PHE B 482 14.11 -2.91 -2.41
CA PHE B 482 15.05 -1.80 -2.62
C PHE B 482 15.13 -0.95 -1.36
N ARG B 483 13.96 -0.65 -0.74
CA ARG B 483 13.85 0.12 0.51
C ARG B 483 14.73 -0.54 1.58
N ARG B 484 14.62 -1.88 1.73
CA ARG B 484 15.38 -2.72 2.66
C ARG B 484 16.86 -2.75 2.25
N SER B 485 17.13 -2.66 0.94
CA SER B 485 18.51 -2.68 0.46
C SER B 485 19.22 -1.36 0.76
N PHE B 486 18.55 -0.22 0.48
CA PHE B 486 19.06 1.13 0.73
C PHE B 486 19.28 1.40 2.21
N LYS B 487 18.50 0.75 3.07
CA LYS B 487 18.65 0.87 4.51
C LYS B 487 19.87 0.06 4.96
N HIS B 488 20.18 -1.03 4.25
CA HIS B 488 21.33 -1.89 4.52
C HIS B 488 22.67 -1.23 4.13
N ILE B 489 22.67 -0.36 3.10
CA ILE B 489 23.86 0.36 2.59
C ILE B 489 24.15 1.63 3.42
N LEU B 490 23.11 2.47 3.60
CA LEU B 490 23.16 3.77 4.26
C LEU B 490 23.00 3.79 5.78
N PHE B 491 22.20 2.85 6.34
CA PHE B 491 21.83 2.77 7.77
C PHE B 491 20.97 3.98 8.19
C1 E33 C . -0.14 37.19 -13.58
C2 E33 C . -0.63 38.17 -12.53
C3 E33 C . -3.24 37.21 -10.61
C4 E33 C . -3.91 36.08 -11.40
C5 E33 C . -3.74 34.71 -10.78
C6 E33 C . -2.33 34.35 -10.32
C12 E33 C . -3.26 32.24 -5.73
C13 E33 C . -3.03 31.95 -7.22
C14 E33 C . -2.33 33.11 -9.42
C15 E33 C . -2.27 33.19 -3.87
C16 E33 C . -1.54 34.23 -3.30
C17 E33 C . -1.07 35.30 -4.10
S1 E33 C . -0.44 37.54 -10.83
O1 E33 C . 0.78 36.62 -10.70
O2 E33 C . -0.15 38.66 -9.86
N1 E33 C . -1.86 36.75 -10.29
C7 E33 C . -1.73 35.50 -9.49
C8 E33 C . -2.40 35.53 -8.14
C9 E33 C . -2.66 34.31 -7.22
C10 E33 C . -1.90 34.26 -6.08
C11 E33 C . -2.50 33.28 -5.25
N2 E33 C . -2.99 33.13 -8.10
C18 E33 C . -1.35 35.39 -5.46
O3 E33 C . -1.24 34.18 -1.96
C19 E33 C . -2.05 35.07 -1.21
C1 CLR D . 1.52 27.82 -21.86
C2 CLR D . 2.34 29.10 -22.09
C3 CLR D . 1.47 30.34 -22.05
C4 CLR D . 0.69 30.39 -20.75
C5 CLR D . -0.07 29.11 -20.45
C6 CLR D . -1.36 29.15 -20.10
C7 CLR D . -2.19 27.95 -19.77
C8 CLR D . -1.35 26.70 -19.46
C9 CLR D . -0.22 26.57 -20.51
C10 CLR D . 0.74 27.82 -20.53
C11 CLR D . 0.56 25.25 -20.38
C12 CLR D . -0.32 23.99 -20.23
C13 CLR D . -1.40 24.12 -19.14
C14 CLR D . -2.20 25.41 -19.49
C15 CLR D . -3.47 25.31 -18.64
C16 CLR D . -3.74 23.79 -18.48
C17 CLR D . -2.56 23.08 -19.18
C18 CLR D . -0.76 24.19 -17.72
C19 CLR D . 1.72 27.80 -19.34
C20 CLR D . -2.31 21.64 -18.65
C21 CLR D . -1.32 20.84 -19.50
C22 CLR D . -3.63 20.84 -18.47
C23 CLR D . -3.49 19.60 -17.59
C24 CLR D . -4.79 18.83 -17.28
C25 CLR D . -4.94 18.25 -15.83
C26 CLR D . -6.29 17.61 -15.59
C27 CLR D . -3.84 17.30 -15.38
O1 CLR D . 2.34 31.47 -22.14
C18 OLC E . 1.41 6.71 -7.70
C10 OLC E . -1.50 1.81 -3.59
C9 OLC E . -1.05 2.13 -2.37
C17 OLC E . 0.56 5.64 -8.36
C11 OLC E . -2.93 2.02 -4.09
C8 OLC E . -1.85 2.74 -1.24
C16 OLC E . 0.27 4.49 -7.42
C12 OLC E . -3.09 1.49 -5.51
C15 OLC E . -1.24 4.25 -7.32
C13 OLC E . -3.00 2.59 -6.57
C14 OLC E . -1.58 2.77 -7.12
C10 OLC F . -5.81 28.15 15.77
C9 OLC F . -6.30 27.14 16.51
C11 OLC F . -6.48 29.49 15.56
C8 OLC F . -7.61 27.15 17.27
C24 OLC F . -9.85 16.46 23.68
C12 OLC F . -6.25 29.99 14.14
C7 OLC F . -8.49 25.96 16.90
C15 OLC F . -5.00 33.34 12.61
C13 OLC F . -5.53 31.35 14.10
C6 OLC F . -8.20 24.71 17.71
C14 OLC F . -5.56 31.92 12.68
C5 OLC F . -9.39 24.25 18.55
C4 OLC F . -8.94 23.80 19.95
C3 OLC F . -9.80 22.68 20.52
C2 OLC F . -9.08 21.33 20.49
C21 OLC F . -9.38 18.41 22.13
C1 OLC F . -9.99 20.10 20.47
C22 OLC F . -9.72 16.92 22.23
O19 OLC F . -11.18 20.16 20.19
O25 OLC F . -11.07 16.89 24.29
O23 OLC F . -10.91 16.59 21.48
O20 OLC F . -9.46 18.87 20.77
C18 OLC G . -1.23 34.11 9.34
C10 OLC G . -5.72 26.03 11.24
C9 OLC G . -6.84 25.60 11.87
C17 OLC G . -1.05 32.86 10.17
C11 OLC G . -5.59 27.29 10.42
C8 OLC G . -8.20 26.27 11.92
C16 OLC G . -1.26 31.58 9.36
C12 OLC G . -4.12 27.57 10.12
C7 OLC G . -9.32 25.23 11.97
C15 OLC G . -2.49 30.80 9.84
C13 OLC G . -3.99 28.85 9.28
C6 OLC G . -9.47 24.51 13.31
C14 OLC G . -2.58 29.40 9.23
C24 OLC H . -21.40 21.79 4.50
C6 OLC H . -29.56 22.89 5.58
C5 OLC H . -28.13 22.44 5.81
C4 OLC H . -28.11 21.05 6.44
C3 OLC H . -27.60 20.00 5.45
C2 OLC H . -26.39 19.26 6.04
C21 OLC H . -23.60 20.61 4.85
C1 OLC H . -25.36 18.90 4.98
C22 OLC H . -22.74 21.39 3.86
O19 OLC H . -25.15 17.71 4.78
O25 OLC H . -20.67 22.68 3.65
O23 OLC H . -22.49 20.60 2.69
O20 OLC H . -24.65 19.85 4.25
C10 OLC I . 3.07 21.30 -22.47
C9 OLC I . 3.02 22.15 -23.51
C11 OLC I . 1.93 20.84 -21.60
C8 OLC I . 1.75 22.83 -24.03
C24 OLC I . 3.93 34.88 -25.76
C7 OLC I . 1.93 24.33 -24.25
C6 OLC I . 1.71 24.74 -25.72
C5 OLC I . 1.32 26.22 -25.90
C4 OLC I . 1.61 26.75 -27.30
C3 OLC I . 1.40 28.27 -27.42
C2 OLC I . 2.67 29.10 -27.23
C21 OLC I . 2.96 32.86 -27.02
C1 OLC I . 2.49 30.51 -27.74
C22 OLC I . 3.59 33.39 -25.73
O19 OLC I . 2.45 30.75 -28.94
O25 OLC I . 4.28 35.34 -24.43
O23 OLC I . 2.77 33.11 -24.58
O20 OLC I . 2.41 31.55 -26.82
C1 OLA J . -1.76 24.93 -31.07
O1 OLA J . -0.66 24.33 -31.09
O2 OLA J . -2.02 25.70 -32.02
C2 OLA J . -2.72 24.71 -29.94
C3 OLA J . -2.03 24.88 -28.60
C4 OLA J . -1.70 23.51 -28.04
C5 OLA J . -1.13 23.52 -26.63
C6 OLA J . -2.20 23.26 -25.58
C7 OLA J . -1.65 22.48 -24.39
C8 OLA J . -1.74 20.97 -24.62
C9 OLA J . -1.12 20.18 -23.50
C10 OLA J . -1.47 18.92 -23.19
C11 OLA J . -2.56 18.11 -23.88
C12 OLA J . -2.03 17.40 -25.13
C13 OLA J . -2.57 15.97 -25.27
C14 OLA J . -3.01 15.60 -26.70
C15 OLA J . -1.87 15.58 -27.72
C16 OLA J . -1.13 14.25 -27.82
C17 OLA J . 0.31 14.45 -28.29
C18 OLA J . 0.61 13.73 -29.60
C1 OLA K . 16.19 34.87 -13.08
O1 OLA K . 15.80 34.31 -14.13
O2 OLA K . 16.91 35.91 -13.18
C2 OLA K . 15.82 34.37 -11.71
C3 OLA K . 15.78 32.84 -11.62
C4 OLA K . 16.09 32.34 -10.21
C5 OLA K . 14.83 31.85 -9.48
C6 OLA K . 14.56 30.36 -9.73
C7 OLA K . 13.45 29.80 -8.84
C8 OLA K . 12.74 28.61 -9.49
C9 OLA K . 11.41 28.38 -8.80
C10 OLA K . 10.81 27.18 -8.62
C11 OLA K . 11.38 25.87 -9.10
C12 OLA K . 10.55 24.74 -8.51
C13 OLA K . 9.94 23.92 -9.63
C14 OLA K . 9.82 22.44 -9.28
C15 OLA K . 9.85 21.54 -10.52
C16 OLA K . 10.85 20.40 -10.34
C17 OLA K . 10.80 19.45 -11.52
C18 OLA K . 10.40 18.05 -11.07
C1 E33 L . 17.08 24.95 -26.44
C2 E33 L . 18.22 24.14 -27.02
C3 E33 L . 19.89 21.24 -26.62
C4 E33 L . 20.16 21.13 -25.12
C5 E33 L . 19.35 20.03 -24.44
C6 E33 L . 17.84 20.09 -24.73
C12 E33 L . 16.77 15.10 -25.06
C13 E33 L . 16.77 16.30 -24.12
C14 E33 L . 17.13 18.87 -24.14
C15 E33 L . 15.85 14.34 -27.04
C16 E33 L . 15.47 14.55 -28.37
C17 E33 L . 15.65 15.82 -28.97
S1 E33 L . 17.67 22.55 -27.70
O1 E33 L . 16.15 22.44 -27.75
O2 E33 L . 17.99 22.41 -29.18
N1 E33 L . 18.41 21.24 -26.86
C7 E33 L . 17.61 20.13 -26.25
C8 E33 L . 17.89 18.74 -26.78
C9 E33 L . 17.40 17.40 -26.16
C10 E33 L . 16.45 16.72 -26.89
C11 E33 L . 16.39 15.42 -26.35
N2 E33 L . 17.41 17.52 -24.65
C18 E33 L . 16.23 16.89 -28.26
O3 E33 L . 14.86 13.52 -29.07
C19 E33 L . 15.73 12.85 -29.97
C1 CLR M . 14.60 28.89 -14.20
C2 CLR M . 14.35 29.90 -15.32
C3 CLR M . 15.45 29.89 -16.36
C4 CLR M . 15.69 28.48 -16.90
C5 CLR M . 15.86 27.46 -15.79
C6 CLR M . 16.91 26.62 -15.79
C7 CLR M . 17.16 25.58 -14.75
C8 CLR M . 15.90 25.23 -13.96
C9 CLR M . 15.19 26.53 -13.51
C10 CLR M . 14.78 27.44 -14.71
C11 CLR M . 14.01 26.26 -12.54
C12 CLR M . 14.24 25.16 -11.47
C13 CLR M . 14.87 23.86 -12.03
C14 CLR M . 16.17 24.33 -12.75
C15 CLR M . 16.99 23.04 -12.91
C16 CLR M . 16.50 22.07 -11.80
C17 CLR M . 15.47 22.87 -11.00
C18 CLR M . 13.88 23.15 -12.97
C19 CLR M . 13.48 26.95 -15.37
C20 CLR M . 14.54 21.97 -10.16
C21 CLR M . 13.59 22.74 -9.24
C22 CLR M . 15.33 20.93 -9.33
C23 CLR M . 14.49 19.84 -8.67
C24 CLR M . 15.02 19.36 -7.33
C25 CLR M . 15.35 17.86 -7.21
C26 CLR M . 16.01 17.52 -5.88
C27 CLR M . 14.17 16.92 -7.48
O1 CLR M . 15.05 30.75 -17.45
C18 OLC N . 2.05 8.74 -11.94
C10 OLC N . -1.17 0.27 -11.09
C9 OLC N . -2.45 -0.12 -11.06
C17 OLC N . 1.73 7.80 -13.08
C11 OLC N . -0.45 0.87 -12.28
C8 OLC N . -3.45 -0.04 -12.21
C16 OLC N . 2.09 6.36 -12.72
C12 OLC N . 0.57 1.93 -11.83
C7 OLC N . -4.68 -0.91 -11.91
C15 OLC N . 1.27 5.36 -13.52
C13 OLC N . 0.28 3.25 -12.54
C14 OLC N . 1.54 3.94 -13.03
C18 OLC O . 1.43 6.27 -22.45
C17 OLC O . 2.45 5.28 -21.93
C11 OLC O . 0.94 1.55 -16.93
C16 OLC O . 2.14 4.91 -20.49
C12 OLC O . 1.71 2.84 -17.28
C15 OLC O . 3.35 4.31 -19.78
C13 OLC O . 3.09 2.59 -17.91
C14 OLC O . 3.10 2.85 -19.42
#